data_8HBB
#
_entry.id   8HBB
#
_cell.length_a   183.176
_cell.length_b   75.328
_cell.length_c   118.184
_cell.angle_alpha   90.00
_cell.angle_beta   113.19
_cell.angle_gamma   90.00
#
_symmetry.space_group_name_H-M   'C 1 2 1'
#
loop_
_entity.id
_entity.type
_entity.pdbx_description
1 polymer 'DNA N6-methyl adenine demethylase'
2 non-polymer 'MANGANESE (II) ION'
3 non-polymer 'CHLORIDE ION'
4 water water
#
_entity_poly.entity_id   1
_entity_poly.type   'polypeptide(L)'
_entity_poly.pdbx_seq_one_letter_code
;HHHHHHENLYFQGSMTTERVKKLRVVEDKHVNYKVFIYDHIRQIAIPTTNLNSQSSLEDIIDESTSCQSVSTDGSIEIDG
LTLIHNFLSESEESKILNMIDTVKWAKSKSGRRKQDYGPKVNFKHKKVKTDTFVGMPEYADMLLNKMSEYDVKKLGNYQP
FEMCNLEYEEVKKSAIEMHQDDMWIWGNRLISINLINGSVMTLSNDNKSFLCYVHMPHRSLLCMADECRYDWKHGVLAHH
IRGRRIALTMREAAKDFAEGGELYEKYGAELIRLGNIRVPLSKTSV
;
_entity_poly.pdbx_strand_id   A,B,C,D
#
loop_
_chem_comp.id
_chem_comp.type
_chem_comp.name
_chem_comp.formula
CL non-polymer 'CHLORIDE ION' 'Cl -1'
MN non-polymer 'MANGANESE (II) ION' 'Mn 2'
#
# COMPACT_ATOMS: atom_id res chain seq x y z
N LYS A 29 5.01 2.39 21.13
CA LYS A 29 3.90 3.13 20.47
C LYS A 29 2.72 2.19 20.27
N HIS A 30 2.41 1.82 19.03
CA HIS A 30 1.20 0.98 18.77
C HIS A 30 1.58 -0.38 18.21
N VAL A 31 1.32 -1.47 18.94
CA VAL A 31 1.71 -2.84 18.53
C VAL A 31 0.90 -3.31 17.31
N ASN A 32 -0.39 -3.01 17.26
CA ASN A 32 -1.28 -3.53 16.18
C ASN A 32 -1.02 -2.86 14.83
N TYR A 33 -0.28 -1.75 14.81
CA TYR A 33 -0.08 -1.00 13.56
C TYR A 33 0.85 -1.75 12.61
N LYS A 34 0.72 -1.48 11.30
CA LYS A 34 1.64 -2.08 10.30
C LYS A 34 2.83 -1.15 10.16
N VAL A 35 4.04 -1.69 10.25
CA VAL A 35 5.22 -0.79 10.25
C VAL A 35 5.75 -0.60 8.83
N PHE A 36 6.13 0.62 8.47
CA PHE A 36 6.65 0.93 7.12
C PHE A 36 8.00 1.63 7.27
N ILE A 37 8.84 1.61 6.24
CA ILE A 37 10.15 2.33 6.27
C ILE A 37 10.23 3.19 5.02
N TYR A 38 10.93 4.32 5.08
CA TYR A 38 10.94 5.26 3.94
C TYR A 38 12.16 5.05 3.04
N ASP A 39 11.92 4.91 1.74
CA ASP A 39 13.06 4.86 0.79
C ASP A 39 13.20 6.29 0.27
N HIS A 40 14.28 6.96 0.62
CA HIS A 40 14.52 8.33 0.14
C HIS A 40 14.70 8.29 -1.37
N ILE A 41 15.37 7.25 -1.86
CA ILE A 41 15.64 7.14 -3.31
C ILE A 41 14.32 7.00 -4.05
N ARG A 42 13.44 6.13 -3.56
CA ARG A 42 12.20 5.87 -4.33
C ARG A 42 11.07 6.78 -3.85
N GLN A 43 11.28 7.50 -2.74
CA GLN A 43 10.25 8.42 -2.18
C GLN A 43 8.96 7.63 -1.89
N ILE A 44 9.09 6.40 -1.37
CA ILE A 44 7.91 5.57 -1.01
C ILE A 44 8.16 4.96 0.35
N ALA A 45 7.10 4.52 1.02
CA ALA A 45 7.26 3.82 2.31
C ALA A 45 7.04 2.32 2.04
N ILE A 46 7.97 1.48 2.45
CA ILE A 46 7.92 0.03 2.13
C ILE A 46 7.54 -0.72 3.40
N PRO A 47 6.57 -1.66 3.33
CA PRO A 47 6.19 -2.43 4.50
C PRO A 47 7.29 -3.33 5.06
N THR A 48 7.50 -3.28 6.38
CA THR A 48 8.52 -4.13 7.04
C THR A 48 7.95 -4.83 8.27
N THR A 49 8.19 -6.13 8.40
CA THR A 49 7.76 -6.88 9.60
C THR A 49 8.99 -7.12 10.47
N ASN A 50 10.14 -6.61 10.05
CA ASN A 50 11.38 -6.73 10.85
C ASN A 50 11.50 -5.49 11.72
N LEU A 51 10.61 -4.54 11.52
CA LEU A 51 10.61 -3.29 12.32
C LEU A 51 9.34 -3.29 13.16
N ASN A 52 9.36 -2.65 14.32
CA ASN A 52 8.21 -2.73 15.24
C ASN A 52 8.03 -1.43 16.01
N SER A 53 7.07 -1.40 16.93
CA SER A 53 6.77 -0.19 17.74
C SER A 53 7.99 0.21 18.56
N GLN A 54 8.74 -0.77 19.08
CA GLN A 54 9.87 -0.44 19.98
C GLN A 54 11.20 -0.62 19.26
N SER A 55 11.20 -0.56 17.93
CA SER A 55 12.43 -0.81 17.16
C SER A 55 13.50 0.22 17.46
N SER A 56 14.77 -0.22 17.46
CA SER A 56 15.94 0.65 17.77
C SER A 56 16.31 1.57 16.61
N LEU A 57 17.01 2.66 16.90
CA LEU A 57 17.45 3.61 15.85
C LEU A 57 18.34 2.87 14.86
N GLU A 58 19.25 2.05 15.37
CA GLU A 58 20.23 1.36 14.50
C GLU A 58 19.48 0.46 13.52
N ASP A 59 18.44 -0.23 14.00
CA ASP A 59 17.65 -1.15 13.14
C ASP A 59 16.96 -0.36 12.03
N ILE A 60 16.40 0.80 12.38
CA ILE A 60 15.70 1.67 11.39
C ILE A 60 16.69 2.18 10.35
N ILE A 61 17.88 2.58 10.77
CA ILE A 61 18.91 3.10 9.82
C ILE A 61 19.32 1.98 8.85
N ASP A 62 19.53 0.77 9.35
CA ASP A 62 19.91 -0.39 8.50
C ASP A 62 18.75 -0.73 7.55
N GLU A 63 17.52 -0.70 8.02
CA GLU A 63 16.34 -0.95 7.16
C GLU A 63 16.24 0.13 6.08
N SER A 64 16.60 1.36 6.41
CA SER A 64 16.53 2.47 5.43
C SER A 64 17.42 2.09 4.23
N THR A 65 18.59 1.53 4.49
CA THR A 65 19.47 1.01 3.42
C THR A 65 18.89 -0.27 2.80
N SER A 66 18.25 -1.14 3.59
CA SER A 66 17.77 -2.46 3.10
C SER A 66 16.35 -2.40 2.56
N CYS A 67 15.70 -1.24 2.61
CA CYS A 67 14.35 -1.10 1.99
C CYS A 67 14.52 -0.70 0.53
N GLN A 68 15.72 -0.31 0.14
CA GLN A 68 15.98 0.19 -1.24
C GLN A 68 15.98 -0.97 -2.22
N SER A 69 16.06 -2.20 -1.74
CA SER A 69 16.15 -3.39 -2.61
C SER A 69 14.87 -4.21 -2.58
N VAL A 70 13.76 -3.63 -2.10
CA VAL A 70 12.50 -4.42 -1.91
C VAL A 70 11.45 -4.02 -2.96
N SER A 71 10.50 -4.92 -3.22
CA SER A 71 9.45 -4.68 -4.24
C SER A 71 8.46 -3.61 -3.79
N THR A 72 7.70 -3.06 -4.72
CA THR A 72 6.79 -1.93 -4.42
C THR A 72 5.41 -2.44 -3.98
N ASP A 73 5.27 -3.75 -3.78
CA ASP A 73 3.96 -4.33 -3.40
C ASP A 73 3.66 -4.00 -1.93
N GLY A 74 2.50 -3.40 -1.65
CA GLY A 74 2.13 -3.00 -0.29
C GLY A 74 2.75 -1.66 0.05
N SER A 75 3.53 -1.10 -0.88
CA SER A 75 4.22 0.18 -0.66
C SER A 75 3.24 1.34 -0.70
N ILE A 76 3.44 2.35 0.14
CA ILE A 76 2.52 3.52 0.19
C ILE A 76 3.32 4.80 0.03
N GLU A 77 2.67 5.86 -0.43
CA GLU A 77 3.32 7.19 -0.56
C GLU A 77 2.60 8.12 0.40
N ILE A 78 3.34 8.76 1.30
CA ILE A 78 2.71 9.78 2.16
C ILE A 78 2.99 11.10 1.44
N ASP A 79 1.94 11.77 0.96
CA ASP A 79 2.12 13.00 0.18
C ASP A 79 2.57 14.11 1.11
N GLY A 80 3.52 14.93 0.66
CA GLY A 80 4.03 16.04 1.49
C GLY A 80 5.25 15.65 2.29
N LEU A 81 5.68 14.39 2.22
CA LEU A 81 6.94 14.00 2.90
C LEU A 81 8.06 14.23 1.90
N THR A 82 8.84 15.28 2.10
CA THR A 82 10.02 15.56 1.24
C THR A 82 11.23 15.57 2.16
N LEU A 83 12.18 14.67 1.92
CA LEU A 83 13.42 14.63 2.71
C LEU A 83 14.56 15.02 1.78
N ILE A 84 15.30 16.06 2.12
CA ILE A 84 16.48 16.44 1.30
C ILE A 84 17.71 16.08 2.11
N HIS A 85 18.48 15.11 1.63
CA HIS A 85 19.75 14.76 2.31
C HIS A 85 20.73 15.86 1.96
N ASN A 86 21.63 16.19 2.89
CA ASN A 86 22.68 17.20 2.62
C ASN A 86 22.06 18.55 2.22
N PHE A 87 21.03 19.00 2.93
CA PHE A 87 20.47 20.36 2.67
C PHE A 87 21.53 21.40 3.00
N LEU A 88 22.24 21.23 4.12
CA LEU A 88 23.23 22.24 4.57
C LEU A 88 24.64 21.67 4.56
N SER A 89 25.62 22.47 4.15
CA SER A 89 27.05 22.08 4.16
C SER A 89 27.60 22.16 5.59
N GLU A 90 28.78 21.60 5.84
CA GLU A 90 29.39 21.75 7.18
C GLU A 90 29.64 23.23 7.42
N SER A 91 30.07 23.94 6.37
CA SER A 91 30.33 25.39 6.50
C SER A 91 29.06 26.15 6.85
N GLU A 92 27.96 25.86 6.15
CA GLU A 92 26.69 26.58 6.38
C GLU A 92 26.20 26.28 7.79
N GLU A 93 26.29 25.02 8.20
CA GLU A 93 25.82 24.61 9.54
C GLU A 93 26.66 25.31 10.61
N SER A 94 27.96 25.44 10.37
CA SER A 94 28.83 26.02 11.42
C SER A 94 28.37 27.44 11.73
N LYS A 95 28.06 28.21 10.70
CA LYS A 95 27.67 29.63 10.90
C LYS A 95 26.34 29.68 11.65
N ILE A 96 25.38 28.87 11.23
CA ILE A 96 24.02 28.87 11.86
C ILE A 96 24.12 28.44 13.31
N LEU A 97 24.89 27.38 13.59
CA LEU A 97 24.97 26.82 14.96
C LEU A 97 25.66 27.79 15.93
N ASN A 98 26.71 28.48 15.50
CA ASN A 98 27.42 29.43 16.39
C ASN A 98 26.47 30.56 16.74
N MET A 99 25.67 31.00 15.77
CA MET A 99 24.64 32.04 16.02
C MET A 99 23.59 31.50 16.98
N ILE A 100 23.18 30.24 16.82
CA ILE A 100 22.16 29.60 17.71
C ILE A 100 22.64 29.49 19.16
N ASP A 101 23.88 29.03 19.38
CA ASP A 101 24.40 28.79 20.76
C ASP A 101 24.64 30.09 21.53
N THR A 102 25.04 31.17 20.86
CA THR A 102 25.19 32.49 21.51
C THR A 102 23.84 32.98 22.04
N VAL A 103 22.76 32.70 21.33
CA VAL A 103 21.40 33.05 21.81
C VAL A 103 21.03 32.13 22.96
N LYS A 104 20.23 32.61 23.91
CA LYS A 104 19.87 31.84 25.12
C LYS A 104 18.92 30.70 24.79
N TRP A 105 18.99 29.63 25.57
CA TRP A 105 18.11 28.45 25.36
C TRP A 105 17.09 28.42 26.49
N ALA A 106 15.80 28.30 26.17
CA ALA A 106 14.73 28.34 27.18
C ALA A 106 14.29 26.93 27.54
N LYS A 107 13.63 26.78 28.68
CA LYS A 107 13.14 25.45 29.11
C LYS A 107 11.92 25.07 28.29
N SER A 108 11.72 23.77 28.09
CA SER A 108 10.53 23.28 27.36
C SER A 108 10.18 21.88 27.87
N LYS A 109 9.07 21.32 27.40
CA LYS A 109 8.58 20.02 27.89
C LYS A 109 9.29 18.83 27.27
N SER A 110 9.14 17.64 27.86
CA SER A 110 9.66 16.38 27.29
C SER A 110 11.18 16.38 27.11
N GLY A 111 11.91 17.06 27.99
CA GLY A 111 13.39 17.05 27.96
C GLY A 111 13.94 18.03 26.96
N ARG A 112 13.07 18.76 26.26
CA ARG A 112 13.53 19.66 25.19
C ARG A 112 13.85 21.05 25.75
N ARG A 113 14.66 21.82 25.02
CA ARG A 113 14.97 23.23 25.40
C ARG A 113 14.68 24.00 24.11
N LYS A 114 14.23 25.25 24.18
CA LYS A 114 13.80 25.90 22.92
C LYS A 114 14.24 27.35 22.70
N GLN A 115 14.42 27.74 21.44
CA GLN A 115 14.64 29.16 21.08
C GLN A 115 13.49 29.49 20.13
N ASP A 116 12.57 30.38 20.52
CA ASP A 116 11.35 30.63 19.70
C ASP A 116 11.34 32.01 19.06
N TYR A 117 11.62 32.09 17.77
CA TYR A 117 11.48 33.37 17.04
C TYR A 117 10.08 33.33 16.42
N GLY A 118 9.06 33.61 17.21
CA GLY A 118 7.67 33.52 16.72
C GLY A 118 6.72 34.30 17.60
N PRO A 119 5.44 34.45 17.22
CA PRO A 119 4.46 35.13 18.05
C PRO A 119 4.06 34.30 19.28
N LYS A 120 3.51 34.95 20.30
CA LYS A 120 2.99 34.16 21.46
C LYS A 120 1.51 33.90 21.20
N VAL A 121 1.12 32.63 21.09
CA VAL A 121 -0.28 32.34 20.67
C VAL A 121 -0.99 31.40 21.65
N ASN A 122 -2.25 31.68 21.95
CA ASN A 122 -3.08 30.73 22.74
C ASN A 122 -3.96 30.08 21.69
N PHE A 123 -3.66 28.84 21.34
CA PHE A 123 -4.39 28.16 20.24
C PHE A 123 -5.86 27.98 20.61
N LYS A 124 -6.11 27.65 21.88
CA LYS A 124 -7.51 27.42 22.32
C LYS A 124 -8.33 28.71 22.24
N HIS A 125 -7.76 29.84 22.67
CA HIS A 125 -8.56 31.09 22.72
C HIS A 125 -8.26 31.97 21.51
N LYS A 126 -7.49 31.46 20.55
CA LYS A 126 -7.25 32.21 19.29
C LYS A 126 -6.71 33.61 19.58
N LYS A 127 -5.72 33.71 20.46
CA LYS A 127 -5.12 35.04 20.78
C LYS A 127 -3.65 35.06 20.40
N VAL A 128 -3.22 36.10 19.67
CA VAL A 128 -1.80 36.25 19.23
C VAL A 128 -1.20 37.50 19.87
N LYS A 129 -0.03 37.37 20.49
CA LYS A 129 0.66 38.56 21.07
C LYS A 129 2.00 38.73 20.36
N THR A 130 2.28 39.96 19.90
CA THR A 130 3.50 40.24 19.12
C THR A 130 4.54 40.95 19.98
N ASP A 131 4.34 40.98 21.28
CA ASP A 131 5.27 41.71 22.18
C ASP A 131 6.67 41.10 22.14
N THR A 132 6.78 39.77 22.14
CA THR A 132 8.11 39.12 22.21
C THR A 132 8.64 38.81 20.81
N PHE A 133 7.83 39.05 19.79
CA PHE A 133 8.24 38.77 18.38
C PHE A 133 8.91 40.03 17.86
N VAL A 134 10.23 39.95 17.65
CA VAL A 134 11.01 41.12 17.15
C VAL A 134 11.34 40.86 15.69
N GLY A 135 11.35 39.60 15.29
CA GLY A 135 11.76 39.28 13.91
C GLY A 135 12.19 37.84 13.77
N MET A 136 12.91 37.54 12.70
CA MET A 136 13.34 36.14 12.44
C MET A 136 14.88 36.11 12.43
N PRO A 137 15.50 34.95 12.70
CA PRO A 137 16.95 34.86 12.77
C PRO A 137 17.62 35.21 11.43
N GLU A 138 18.83 35.78 11.48
CA GLU A 138 19.50 36.27 10.24
C GLU A 138 19.80 35.12 9.29
N TYR A 139 19.93 33.91 9.81
CA TYR A 139 20.23 32.73 8.97
C TYR A 139 18.99 32.31 8.18
N ALA A 140 17.84 32.91 8.46
CA ALA A 140 16.57 32.50 7.82
C ALA A 140 16.62 32.70 6.32
N ASP A 141 17.21 33.79 5.86
CA ASP A 141 17.17 34.09 4.40
C ASP A 141 17.89 32.98 3.64
N MET A 142 19.02 32.52 4.15
CA MET A 142 19.82 31.49 3.46
C MET A 142 19.00 30.21 3.36
N LEU A 143 18.37 29.80 4.46
CA LEU A 143 17.61 28.54 4.47
C LEU A 143 16.43 28.63 3.52
N LEU A 144 15.70 29.73 3.56
CA LEU A 144 14.51 29.92 2.69
C LEU A 144 14.93 29.93 1.23
N ASN A 145 16.02 30.61 0.91
CA ASN A 145 16.48 30.72 -0.50
C ASN A 145 16.85 29.35 -1.03
N LYS A 146 17.56 28.55 -0.23
CA LYS A 146 18.01 27.22 -0.66
C LYS A 146 16.82 26.31 -0.87
N MET A 147 15.79 26.45 -0.04
CA MET A 147 14.55 25.64 -0.16
C MET A 147 13.87 25.96 -1.50
N SER A 148 13.82 27.22 -1.88
CA SER A 148 13.22 27.62 -3.18
C SER A 148 14.02 27.03 -4.33
N GLU A 149 15.34 27.01 -4.20
CA GLU A 149 16.18 26.50 -5.31
C GLU A 149 15.87 25.02 -5.53
N TYR A 150 15.74 24.23 -4.46
CA TYR A 150 15.48 22.79 -4.63
C TYR A 150 14.14 22.59 -5.31
N ASP A 151 13.10 23.28 -4.83
CA ASP A 151 11.77 23.26 -5.49
C ASP A 151 11.02 24.53 -5.10
N VAL A 152 10.82 25.43 -6.05
CA VAL A 152 10.04 26.66 -5.76
C VAL A 152 8.61 26.27 -5.41
N LYS A 153 8.06 25.30 -6.12
CA LYS A 153 6.65 24.95 -5.86
C LYS A 153 6.54 24.28 -4.50
N LYS A 154 7.40 23.30 -4.23
CA LYS A 154 7.29 22.53 -2.96
C LYS A 154 7.73 23.32 -1.73
N LEU A 155 8.85 24.04 -1.78
CA LEU A 155 9.38 24.69 -0.55
C LEU A 155 9.54 26.19 -0.74
N GLY A 156 9.21 26.69 -1.92
CA GLY A 156 9.37 28.12 -2.22
C GLY A 156 8.18 28.94 -1.79
N ASN A 157 8.31 30.27 -1.86
CA ASN A 157 7.20 31.17 -1.48
C ASN A 157 6.83 30.88 -0.03
N TYR A 158 7.83 30.81 0.84
CA TYR A 158 7.61 30.55 2.28
C TYR A 158 7.77 31.84 3.08
N GLN A 159 6.71 32.24 3.78
CA GLN A 159 6.80 33.42 4.66
C GLN A 159 6.92 32.86 6.07
N PRO A 160 7.99 33.17 6.82
CA PRO A 160 8.16 32.58 8.12
C PRO A 160 7.20 33.16 9.16
N PHE A 161 6.43 32.32 9.83
CA PHE A 161 5.56 32.81 10.93
C PHE A 161 6.21 32.44 12.26
N GLU A 162 6.77 31.23 12.33
CA GLU A 162 7.51 30.81 13.54
C GLU A 162 8.78 30.09 13.16
N MET A 163 9.90 30.45 13.77
CA MET A 163 11.14 29.67 13.59
C MET A 163 11.58 29.30 15.00
N CYS A 164 11.49 28.02 15.35
CA CYS A 164 11.82 27.57 16.72
C CYS A 164 12.95 26.56 16.61
N ASN A 165 14.01 26.73 17.40
CA ASN A 165 15.11 25.74 17.41
C ASN A 165 14.90 24.87 18.64
N LEU A 166 14.94 23.54 18.48
CA LEU A 166 14.66 22.64 19.63
C LEU A 166 15.89 21.79 19.96
N GLU A 167 16.22 21.70 21.24
CA GLU A 167 17.42 20.93 21.68
C GLU A 167 16.99 19.60 22.28
N TYR A 168 17.51 18.51 21.74
CA TYR A 168 17.21 17.17 22.24
C TYR A 168 18.53 16.56 22.70
N GLU A 169 18.59 15.99 23.90
CA GLU A 169 19.82 15.32 24.38
C GLU A 169 19.49 13.92 24.89
N GLU A 170 20.28 12.92 24.50
CA GLU A 170 20.04 11.50 24.90
C GLU A 170 20.11 11.40 26.42
N VAL A 171 21.04 12.12 27.04
CA VAL A 171 21.23 12.08 28.51
C VAL A 171 19.96 12.59 29.20
N LYS A 172 19.33 13.63 28.67
CA LYS A 172 18.14 14.24 29.30
C LYS A 172 16.90 13.45 28.88
N LYS A 173 17.09 12.45 28.02
CA LYS A 173 15.96 11.62 27.53
C LYS A 173 14.95 12.51 26.82
N SER A 174 15.44 13.45 26.03
CA SER A 174 14.54 14.40 25.34
C SER A 174 13.77 13.71 24.23
N ALA A 175 12.50 14.11 24.02
CA ALA A 175 11.69 13.55 22.92
C ALA A 175 10.46 14.44 22.68
N ILE A 176 9.73 14.22 21.59
CA ILE A 176 8.47 14.98 21.36
C ILE A 176 7.34 13.97 21.18
N GLU A 177 6.20 14.20 21.82
CA GLU A 177 5.08 13.22 21.77
C GLU A 177 4.46 13.23 20.39
N MET A 178 3.80 12.14 20.02
CA MET A 178 3.24 12.07 18.66
C MET A 178 2.20 13.18 18.57
N HIS A 179 2.27 14.00 17.51
CA HIS A 179 1.37 15.17 17.50
C HIS A 179 1.14 15.74 16.12
N GLN A 180 0.12 16.58 16.00
CA GLN A 180 -0.10 17.31 14.75
C GLN A 180 0.05 18.78 15.16
N ASP A 181 0.85 19.56 14.45
CA ASP A 181 1.08 20.97 14.86
C ASP A 181 -0.21 21.77 14.63
N ASP A 182 -0.45 22.82 15.41
CA ASP A 182 -1.74 23.56 15.31
C ASP A 182 -1.89 24.07 13.88
N MET A 183 -3.11 23.99 13.34
CA MET A 183 -3.34 24.39 11.94
C MET A 183 -4.01 25.77 11.82
N TRP A 184 -4.35 26.42 12.93
CA TRP A 184 -4.94 27.79 12.89
C TRP A 184 -3.93 28.88 12.46
N ILE A 185 -2.74 28.92 13.05
CA ILE A 185 -1.77 30.02 12.76
C ILE A 185 -0.61 29.44 11.96
N TRP A 186 -0.39 28.14 12.08
CA TRP A 186 0.71 27.47 11.36
C TRP A 186 0.15 26.86 10.08
N GLY A 187 0.86 27.01 8.96
CA GLY A 187 0.35 26.59 7.64
C GLY A 187 0.64 25.17 7.24
N ASN A 188 0.43 24.85 5.96
CA ASN A 188 0.57 23.47 5.46
C ASN A 188 2.00 22.97 5.61
N ARG A 189 2.99 23.80 5.35
CA ARG A 189 4.37 23.27 5.33
C ARG A 189 5.08 23.46 6.65
N LEU A 190 5.61 22.36 7.21
CA LEU A 190 6.38 22.42 8.47
C LEU A 190 7.79 21.96 8.13
N ILE A 191 8.80 22.74 8.50
CA ILE A 191 10.21 22.40 8.13
C ILE A 191 11.01 22.08 9.38
N SER A 192 11.69 20.94 9.39
CA SER A 192 12.61 20.57 10.51
C SER A 192 13.98 20.26 9.92
N ILE A 193 15.03 20.87 10.47
CA ILE A 193 16.41 20.67 9.95
C ILE A 193 17.24 20.02 11.06
N ASN A 194 17.92 18.93 10.73
CA ASN A 194 18.65 18.15 11.76
C ASN A 194 20.07 18.70 11.90
N LEU A 195 20.40 19.22 13.07
CA LEU A 195 21.72 19.89 13.26
C LEU A 195 22.52 19.13 14.32
N ILE A 196 23.83 19.11 14.17
CA ILE A 196 24.74 18.37 15.09
C ILE A 196 24.60 16.87 14.82
N ASN A 197 23.39 16.33 14.90
CA ASN A 197 23.16 14.87 14.74
C ASN A 197 21.79 14.62 14.13
N GLY A 198 21.55 13.42 13.61
CA GLY A 198 20.27 13.07 12.99
C GLY A 198 19.35 12.31 13.92
N SER A 199 18.15 11.98 13.45
CA SER A 199 17.17 11.23 14.27
C SER A 199 16.17 10.50 13.37
N VAL A 200 15.18 9.85 13.97
CA VAL A 200 14.11 9.19 13.17
C VAL A 200 12.77 9.85 13.51
N MET A 201 11.97 10.19 12.49
CA MET A 201 10.62 10.72 12.73
C MET A 201 9.65 9.56 12.67
N THR A 202 8.85 9.36 13.72
CA THR A 202 7.82 8.31 13.71
C THR A 202 6.51 8.97 13.30
N LEU A 203 5.85 8.43 12.29
CA LEU A 203 4.60 9.02 11.78
C LEU A 203 3.47 8.04 12.02
N SER A 204 2.32 8.49 12.55
CA SER A 204 1.22 7.56 12.89
C SER A 204 -0.09 7.92 12.20
N ASN A 205 -0.65 7.00 11.41
CA ASN A 205 -2.01 7.23 10.88
C ASN A 205 -2.88 6.34 11.75
N ASP A 206 -3.52 6.92 12.76
CA ASP A 206 -4.28 6.09 13.73
C ASP A 206 -5.45 5.42 13.03
N ASN A 207 -6.16 6.16 12.18
CA ASN A 207 -7.36 5.62 11.51
C ASN A 207 -6.96 4.50 10.55
N LYS A 208 -5.85 4.67 9.84
CA LYS A 208 -5.41 3.64 8.87
C LYS A 208 -4.50 2.63 9.56
N SER A 209 -4.18 2.84 10.85
CA SER A 209 -3.35 1.88 11.61
C SER A 209 -1.99 1.67 10.96
N PHE A 210 -1.37 2.76 10.52
CA PHE A 210 -0.07 2.68 9.82
C PHE A 210 0.99 3.43 10.62
N LEU A 211 2.16 2.81 10.82
CA LEU A 211 3.28 3.51 11.48
C LEU A 211 4.41 3.55 10.47
N CYS A 212 5.00 4.71 10.23
CA CYS A 212 6.15 4.83 9.31
C CYS A 212 7.30 5.49 10.05
N TYR A 213 8.52 5.06 9.75
CA TYR A 213 9.71 5.69 10.36
C TYR A 213 10.49 6.39 9.24
N VAL A 214 10.74 7.68 9.41
CA VAL A 214 11.58 8.41 8.42
C VAL A 214 12.89 8.75 9.10
N HIS A 215 13.99 8.24 8.56
CA HIS A 215 15.31 8.55 9.16
C HIS A 215 15.80 9.83 8.53
N MET A 216 15.92 10.85 9.37
CA MET A 216 16.44 12.14 8.89
C MET A 216 17.91 12.16 9.29
N PRO A 217 18.83 12.12 8.32
CA PRO A 217 20.26 12.11 8.61
C PRO A 217 20.79 13.50 8.99
N HIS A 218 22.05 13.56 9.39
CA HIS A 218 22.66 14.85 9.81
C HIS A 218 22.66 15.84 8.65
N ARG A 219 22.38 17.13 8.94
CA ARG A 219 22.34 18.19 7.90
C ARG A 219 21.29 17.88 6.83
N SER A 220 20.11 17.41 7.25
CA SER A 220 19.01 17.06 6.31
C SER A 220 17.79 17.93 6.61
N LEU A 221 16.91 18.10 5.63
CA LEU A 221 15.68 18.90 5.81
C LEU A 221 14.46 18.01 5.59
N LEU A 222 13.41 18.21 6.39
CA LEU A 222 12.13 17.50 6.17
C LEU A 222 11.01 18.52 6.05
N CYS A 223 10.18 18.41 5.03
CA CYS A 223 8.97 19.26 4.98
C CYS A 223 7.83 18.28 5.17
N MET A 224 6.94 18.55 6.13
CA MET A 224 5.76 17.70 6.31
C MET A 224 4.58 18.55 5.91
N ALA A 225 3.85 18.13 4.88
CA ALA A 225 2.76 18.94 4.34
C ALA A 225 1.69 18.01 3.79
N ASP A 226 0.52 18.54 3.49
CA ASP A 226 -0.53 17.74 2.83
C ASP A 226 -0.95 16.57 3.72
N GLU A 227 -0.87 15.34 3.20
CA GLU A 227 -1.31 14.15 3.96
C GLU A 227 -0.47 14.05 5.22
N CYS A 228 0.82 14.32 5.12
CA CYS A 228 1.72 14.20 6.30
C CYS A 228 1.28 15.21 7.36
N ARG A 229 0.90 16.42 6.95
CA ARG A 229 0.51 17.48 7.91
C ARG A 229 -0.85 17.21 8.55
N TYR A 230 -1.84 16.79 7.78
CA TYR A 230 -3.21 16.68 8.34
C TYR A 230 -3.59 15.24 8.72
N ASP A 231 -3.38 14.29 7.81
CA ASP A 231 -3.76 12.89 8.07
C ASP A 231 -2.84 12.22 9.10
N TRP A 232 -1.54 12.47 9.02
CA TRP A 232 -0.56 11.74 9.90
C TRP A 232 -0.17 12.55 11.12
N LYS A 233 0.42 11.87 12.12
CA LYS A 233 0.91 12.54 13.35
C LYS A 233 2.42 12.37 13.39
N HIS A 234 3.16 13.35 13.91
CA HIS A 234 4.65 13.30 13.90
C HIS A 234 5.24 13.35 15.30
N GLY A 235 6.21 12.48 15.58
CA GLY A 235 6.90 12.51 16.88
C GLY A 235 8.32 12.01 16.77
N VAL A 236 9.19 12.41 17.68
CA VAL A 236 10.60 11.90 17.73
C VAL A 236 10.73 11.13 19.04
N LEU A 237 11.04 9.84 18.95
CA LEU A 237 11.11 8.98 20.16
C LEU A 237 12.47 9.14 20.83
N ALA A 238 12.54 8.88 22.14
CA ALA A 238 13.80 9.05 22.90
C ALA A 238 14.92 8.13 22.45
N HIS A 239 14.63 6.88 22.13
CA HIS A 239 15.69 5.89 21.80
C HIS A 239 16.29 6.22 20.44
N HIS A 240 15.65 7.11 19.69
CA HIS A 240 16.12 7.50 18.35
C HIS A 240 17.00 8.75 18.43
N ILE A 241 17.22 9.27 19.63
CA ILE A 241 18.04 10.50 19.81
C ILE A 241 19.42 10.09 20.32
N ARG A 242 20.47 10.50 19.62
CA ARG A 242 21.87 10.18 20.02
C ARG A 242 22.63 11.48 20.16
N GLY A 243 23.39 11.64 21.25
CA GLY A 243 24.14 12.87 21.52
C GLY A 243 23.24 14.06 21.66
N ARG A 244 23.58 15.17 21.00
CA ARG A 244 22.68 16.34 21.01
C ARG A 244 22.23 16.62 19.60
N ARG A 245 20.93 16.81 19.41
CA ARG A 245 20.38 17.17 18.08
C ARG A 245 19.66 18.51 18.22
N ILE A 246 19.83 19.40 17.26
CA ILE A 246 19.04 20.66 17.27
C ILE A 246 18.12 20.62 16.08
N ALA A 247 16.83 20.83 16.30
CA ALA A 247 15.86 20.91 15.18
C ALA A 247 15.61 22.37 14.86
N LEU A 248 15.98 22.80 13.66
CA LEU A 248 15.64 24.18 13.27
C LEU A 248 14.25 24.06 12.67
N THR A 249 13.25 24.50 13.41
CA THR A 249 11.86 24.30 12.96
C THR A 249 11.35 25.60 12.34
N MET A 250 10.63 25.49 11.24
CA MET A 250 10.07 26.68 10.57
C MET A 250 8.57 26.43 10.35
N ARG A 251 7.76 27.47 10.45
CA ARG A 251 6.30 27.36 10.20
C ARG A 251 5.91 28.45 9.20
N GLU A 252 4.83 28.26 8.45
CA GLU A 252 4.45 29.24 7.40
C GLU A 252 3.10 29.86 7.69
N ALA A 253 2.79 30.94 6.99
CA ALA A 253 1.53 31.65 7.25
C ALA A 253 0.33 30.76 6.94
N ALA A 254 -0.65 30.74 7.84
CA ALA A 254 -1.90 30.05 7.51
C ALA A 254 -2.61 30.93 6.51
N LYS A 255 -3.39 30.36 5.61
CA LYS A 255 -4.03 31.15 4.53
C LYS A 255 -4.95 32.20 5.14
N ASP A 256 -5.59 31.86 6.25
CA ASP A 256 -6.50 32.79 6.95
C ASP A 256 -5.72 34.03 7.40
N PHE A 257 -4.50 33.86 7.90
CA PHE A 257 -3.69 34.98 8.43
C PHE A 257 -2.95 35.67 7.30
N ALA A 258 -2.98 35.10 6.10
CA ALA A 258 -2.23 35.67 4.95
C ALA A 258 -3.08 36.68 4.19
N GLU A 259 -2.49 37.33 3.20
CA GLU A 259 -3.20 38.35 2.41
C GLU A 259 -4.39 37.67 1.76
N GLY A 260 -5.53 38.37 1.67
CA GLY A 260 -6.74 37.72 1.14
C GLY A 260 -7.39 36.86 2.19
N GLY A 261 -7.08 37.11 3.46
CA GLY A 261 -7.61 36.25 4.53
C GLY A 261 -8.27 37.08 5.60
N GLU A 262 -9.14 36.45 6.40
CA GLU A 262 -9.91 37.20 7.43
C GLU A 262 -9.01 37.84 8.47
N LEU A 263 -7.99 37.11 8.95
CA LEU A 263 -7.17 37.62 10.08
C LEU A 263 -5.97 38.44 9.61
N TYR A 264 -5.82 38.65 8.32
CA TYR A 264 -4.62 39.36 7.83
C TYR A 264 -4.59 40.76 8.42
N GLU A 265 -5.70 41.48 8.38
CA GLU A 265 -5.70 42.87 8.85
C GLU A 265 -5.45 42.91 10.35
N LYS A 266 -6.15 42.06 11.11
CA LYS A 266 -6.02 42.07 12.58
C LYS A 266 -4.65 41.56 13.02
N TYR A 267 -4.19 40.44 12.45
CA TYR A 267 -2.93 39.83 12.96
C TYR A 267 -1.89 39.54 11.89
N GLY A 268 -2.29 39.06 10.73
CA GLY A 268 -1.33 38.60 9.71
C GLY A 268 -0.37 39.61 9.13
N ALA A 269 -0.83 40.82 8.82
CA ALA A 269 0.06 41.77 8.12
C ALA A 269 1.25 42.14 9.00
N GLU A 270 0.98 42.36 10.29
CA GLU A 270 2.07 42.69 11.23
C GLU A 270 3.00 41.49 11.30
N LEU A 271 2.44 40.30 11.35
CA LEU A 271 3.26 39.08 11.50
C LEU A 271 4.18 38.96 10.29
N ILE A 272 3.66 39.27 9.10
CA ILE A 272 4.50 39.25 7.85
C ILE A 272 5.58 40.31 7.98
N ARG A 273 5.23 41.51 8.46
CA ARG A 273 6.21 42.60 8.58
C ARG A 273 7.31 42.21 9.56
N LEU A 274 6.94 41.66 10.70
CA LEU A 274 7.92 41.23 11.72
C LEU A 274 8.77 40.07 11.19
N GLY A 275 8.16 39.13 10.47
CA GLY A 275 8.90 38.01 9.86
C GLY A 275 9.88 38.49 8.82
N ASN A 276 9.54 39.56 8.12
CA ASN A 276 10.46 40.18 7.13
C ASN A 276 11.68 40.75 7.87
N ILE A 277 11.51 41.17 9.12
CA ILE A 277 12.63 41.73 9.95
C ILE A 277 13.64 40.64 10.27
N ARG A 278 14.93 40.97 10.28
CA ARG A 278 15.98 39.99 10.59
C ARG A 278 16.74 40.41 11.85
N VAL A 279 16.79 39.54 12.85
CA VAL A 279 17.52 39.83 14.11
C VAL A 279 19.01 39.58 13.86
N PRO A 280 19.90 40.52 14.19
CA PRO A 280 21.32 40.38 13.90
C PRO A 280 21.98 39.46 14.93
N LEU A 281 22.54 38.33 14.49
CA LEU A 281 23.09 37.33 15.43
C LEU A 281 24.58 37.04 15.17
N SER A 282 25.18 37.69 14.17
CA SER A 282 26.58 37.38 13.80
C SER A 282 27.56 38.28 14.57
N LYS A 283 27.04 39.23 15.33
CA LYS A 283 27.90 40.17 16.09
N LYS B 29 35.14 41.62 47.98
CA LYS B 29 36.22 40.65 48.31
C LYS B 29 37.55 41.17 47.80
N HIS B 30 37.75 41.18 46.48
CA HIS B 30 39.05 41.58 45.91
C HIS B 30 39.04 43.05 45.49
N VAL B 31 38.07 43.82 45.99
CA VAL B 31 38.00 45.28 45.69
C VAL B 31 39.27 45.93 46.22
N ASN B 32 39.77 45.47 47.37
CA ASN B 32 40.97 46.08 47.99
C ASN B 32 42.20 45.84 47.11
N TYR B 33 42.16 44.82 46.24
CA TYR B 33 43.30 44.49 45.35
C TYR B 33 43.44 45.48 44.18
N LYS B 34 44.62 45.54 43.57
CA LYS B 34 44.86 46.40 42.38
C LYS B 34 44.39 45.69 41.11
N VAL B 35 44.15 46.42 40.02
CA VAL B 35 43.59 45.80 38.78
C VAL B 35 44.50 46.06 37.58
N PHE B 36 44.61 45.10 36.66
CA PHE B 36 45.50 45.21 35.47
C PHE B 36 44.78 44.66 34.22
N ILE B 37 45.28 44.99 33.03
CA ILE B 37 44.70 44.50 31.74
C ILE B 37 45.87 43.99 30.90
N TYR B 38 45.64 43.08 29.97
CA TYR B 38 46.77 42.47 29.22
C TYR B 38 46.85 42.99 27.79
N ASP B 39 48.02 43.50 27.40
CA ASP B 39 48.21 43.90 25.99
C ASP B 39 48.77 42.68 25.30
N HIS B 40 47.97 42.01 24.48
CA HIS B 40 48.40 40.77 23.79
C HIS B 40 49.54 41.06 22.81
N ILE B 41 49.50 42.22 22.16
CA ILE B 41 50.60 42.59 21.23
C ILE B 41 51.91 42.77 21.98
N ARG B 42 51.87 43.47 23.12
CA ARG B 42 53.12 43.79 23.88
C ARG B 42 53.41 42.64 24.84
N GLN B 43 52.42 41.77 25.08
CA GLN B 43 52.57 40.64 26.03
C GLN B 43 52.95 41.18 27.42
N ILE B 44 52.33 42.28 27.84
CA ILE B 44 52.59 42.90 29.16
C ILE B 44 51.24 43.20 29.80
N ALA B 45 51.20 43.38 31.11
CA ALA B 45 49.93 43.76 31.76
C ALA B 45 49.99 45.20 32.22
N ILE B 46 49.03 46.02 31.81
CA ILE B 46 49.06 47.48 32.11
C ILE B 46 48.08 47.78 33.24
N PRO B 47 48.49 48.54 34.27
CA PRO B 47 47.61 48.87 35.39
C PRO B 47 46.43 49.73 34.93
N THR B 48 45.25 49.52 35.50
CA THR B 48 44.10 50.39 35.17
C THR B 48 43.23 50.64 36.39
N THR B 49 42.69 51.84 36.54
CA THR B 49 41.74 52.14 37.64
C THR B 49 40.35 52.16 37.04
N ASN B 50 40.28 52.06 35.71
CA ASN B 50 38.97 51.97 35.02
C ASN B 50 38.30 50.65 35.44
N LEU B 51 39.10 49.60 35.59
CA LEU B 51 38.59 48.26 35.98
C LEU B 51 38.27 48.15 37.48
N ASN B 52 37.45 47.17 37.87
CA ASN B 52 37.10 46.95 39.31
C ASN B 52 36.73 45.47 39.52
N SER B 53 36.46 45.05 40.75
CA SER B 53 36.16 43.63 41.06
C SER B 53 34.92 43.16 40.33
N GLN B 54 33.91 44.01 40.18
CA GLN B 54 32.62 43.59 39.57
C GLN B 54 32.56 44.11 38.14
N SER B 55 33.72 44.40 37.55
CA SER B 55 33.74 45.02 36.20
C SER B 55 33.09 44.15 35.13
N SER B 56 32.38 44.77 34.20
CA SER B 56 31.65 44.08 33.11
C SER B 56 32.59 43.56 32.04
N LEU B 57 32.16 42.55 31.28
CA LEU B 57 32.98 41.98 30.18
C LEU B 57 33.22 43.08 29.15
N GLU B 58 32.21 43.90 28.90
CA GLU B 58 32.31 44.95 27.84
C GLU B 58 33.44 45.89 28.22
N ASP B 59 33.55 46.22 29.50
CA ASP B 59 34.59 47.16 29.97
C ASP B 59 35.98 46.56 29.70
N ILE B 60 36.16 45.28 30.01
CA ILE B 60 37.46 44.60 29.80
C ILE B 60 37.79 44.54 28.31
N ILE B 61 36.80 44.22 27.46
CA ILE B 61 37.03 44.12 25.99
C ILE B 61 37.43 45.49 25.46
N ASP B 62 36.74 46.55 25.90
CA ASP B 62 37.10 47.93 25.47
C ASP B 62 38.47 48.31 26.04
N GLU B 63 38.75 47.95 27.29
CA GLU B 63 40.05 48.25 27.94
C GLU B 63 41.15 47.49 27.19
N SER B 64 40.84 46.30 26.68
CA SER B 64 41.85 45.49 25.96
C SER B 64 42.34 46.25 24.73
N THR B 65 41.44 46.91 23.99
CA THR B 65 41.87 47.75 22.86
C THR B 65 42.53 49.04 23.37
N SER B 66 42.01 49.63 24.43
CA SER B 66 42.55 50.88 25.02
C SER B 66 43.94 50.70 25.63
N CYS B 67 44.22 49.53 26.21
CA CYS B 67 45.51 49.29 26.93
C CYS B 67 46.71 49.47 26.00
N GLN B 68 46.58 49.11 24.73
CA GLN B 68 47.74 49.17 23.83
C GLN B 68 48.26 50.60 23.80
N SER B 69 47.36 51.57 23.86
CA SER B 69 47.74 53.01 23.87
C SER B 69 48.46 53.43 25.16
N VAL B 70 48.16 52.79 26.30
CA VAL B 70 48.70 53.24 27.62
C VAL B 70 50.20 52.98 27.79
N SER B 71 50.82 53.61 28.79
CA SER B 71 52.29 53.54 29.03
C SER B 71 52.75 52.21 29.62
N THR B 72 53.98 51.81 29.30
CA THR B 72 54.60 50.57 29.84
C THR B 72 54.98 50.80 31.29
N ASP B 73 54.96 52.03 31.74
CA ASP B 73 55.26 52.32 33.16
C ASP B 73 54.23 51.60 34.02
N GLY B 74 54.68 50.84 35.02
CA GLY B 74 53.78 50.08 35.91
C GLY B 74 53.49 48.71 35.36
N SER B 75 53.90 48.44 34.12
CA SER B 75 53.57 47.16 33.46
C SER B 75 54.23 46.00 34.17
N ILE B 76 53.49 44.91 34.33
CA ILE B 76 54.07 43.68 34.95
C ILE B 76 54.22 42.66 33.83
N GLU B 77 55.20 41.79 33.94
CA GLU B 77 55.31 40.72 32.92
C GLU B 77 54.77 39.45 33.57
N ILE B 78 53.76 38.85 32.96
CA ILE B 78 53.20 37.57 33.48
C ILE B 78 54.10 36.43 33.01
N ASP B 79 54.25 35.40 33.85
CA ASP B 79 55.08 34.23 33.50
C ASP B 79 54.17 33.08 33.09
N GLY B 80 54.30 32.61 31.86
CA GLY B 80 53.52 31.45 31.39
C GLY B 80 52.17 31.83 30.83
N LEU B 81 51.83 33.12 30.79
CA LEU B 81 50.57 33.55 30.18
C LEU B 81 50.81 33.71 28.69
N THR B 82 50.42 32.71 27.90
CA THR B 82 50.55 32.77 26.43
C THR B 82 49.16 32.69 25.83
N LEU B 83 48.73 33.71 25.09
CA LEU B 83 47.40 33.71 24.44
C LEU B 83 47.58 33.74 22.93
N ILE B 84 47.05 32.75 22.23
CA ILE B 84 47.12 32.80 20.76
C ILE B 84 45.71 33.11 20.28
N HIS B 85 45.52 34.28 19.68
CA HIS B 85 44.22 34.62 19.10
C HIS B 85 44.07 33.79 17.84
N ASN B 86 42.85 33.39 17.51
CA ASN B 86 42.60 32.68 16.23
C ASN B 86 43.50 31.46 16.11
N PHE B 87 43.67 30.71 17.19
CA PHE B 87 44.43 29.44 17.13
C PHE B 87 43.63 28.49 16.24
N LEU B 88 42.31 28.54 16.36
CA LEU B 88 41.44 27.59 15.61
C LEU B 88 40.66 28.32 14.50
N SER B 89 40.55 27.70 13.33
CA SER B 89 39.71 28.25 12.24
C SER B 89 38.27 27.80 12.48
N GLU B 90 37.30 28.41 11.79
CA GLU B 90 35.90 27.96 11.93
C GLU B 90 35.78 26.51 11.46
N SER B 91 36.45 26.16 10.37
CA SER B 91 36.40 24.78 9.84
C SER B 91 36.94 23.82 10.89
N GLU B 92 38.05 24.16 11.53
CA GLU B 92 38.67 23.30 12.56
C GLU B 92 37.74 23.18 13.77
N GLU B 93 37.15 24.30 14.19
CA GLU B 93 36.23 24.29 15.35
C GLU B 93 35.00 23.44 15.02
N SER B 94 34.49 23.53 13.81
CA SER B 94 33.24 22.81 13.47
C SER B 94 33.43 21.33 13.69
N LYS B 95 34.57 20.80 13.26
CA LYS B 95 34.81 19.34 13.38
C LYS B 95 34.91 18.93 14.85
N ILE B 96 35.64 19.68 15.66
CA ILE B 96 35.79 19.37 17.12
C ILE B 96 34.44 19.51 17.81
N LEU B 97 33.71 20.59 17.51
CA LEU B 97 32.43 20.87 18.21
C LEU B 97 31.38 19.80 17.92
N ASN B 98 31.28 19.32 16.68
CA ASN B 98 30.33 18.23 16.37
C ASN B 98 30.74 16.96 17.11
N MET B 99 32.04 16.65 17.14
CA MET B 99 32.53 15.47 17.89
C MET B 99 32.20 15.64 19.37
N ILE B 100 32.37 16.85 19.91
CA ILE B 100 32.07 17.17 21.34
C ILE B 100 30.59 17.00 21.64
N ASP B 101 29.70 17.46 20.76
CA ASP B 101 28.24 17.45 21.06
C ASP B 101 27.58 16.10 20.69
N THR B 102 28.29 15.21 20.00
CA THR B 102 27.76 13.85 19.71
C THR B 102 28.14 12.93 20.88
N VAL B 103 28.86 13.47 21.86
CA VAL B 103 29.30 12.69 23.07
C VAL B 103 28.49 13.20 24.26
N LYS B 104 28.24 12.35 25.25
CA LYS B 104 27.37 12.70 26.39
C LYS B 104 27.99 13.78 27.27
N TRP B 105 27.16 14.61 27.88
CA TRP B 105 27.65 15.70 28.75
C TRP B 105 27.34 15.36 30.21
N ALA B 106 28.37 15.25 31.04
CA ALA B 106 28.18 14.91 32.47
C ALA B 106 27.82 16.17 33.25
N LYS B 107 27.21 16.00 34.42
CA LYS B 107 26.81 17.16 35.25
C LYS B 107 27.96 17.50 36.20
N SER B 108 28.33 18.78 36.27
CA SER B 108 29.44 19.22 37.14
C SER B 108 28.97 20.41 37.97
N LYS B 109 29.81 20.86 38.90
CA LYS B 109 29.42 21.92 39.85
C LYS B 109 29.44 23.31 39.22
N SER B 110 28.76 24.27 39.85
CA SER B 110 28.78 25.70 39.41
C SER B 110 27.95 25.92 38.15
N GLY B 111 27.04 25.01 37.82
CA GLY B 111 26.20 25.14 36.62
C GLY B 111 26.96 24.66 35.42
N ARG B 112 28.16 24.14 35.65
CA ARG B 112 29.03 23.66 34.54
C ARG B 112 28.64 22.23 34.17
N ARG B 113 29.13 21.74 33.04
CA ARG B 113 28.91 20.33 32.61
C ARG B 113 30.26 19.87 32.10
N LYS B 114 30.56 18.58 32.18
CA LYS B 114 31.94 18.17 31.81
C LYS B 114 31.99 16.92 30.93
N GLN B 115 33.01 16.83 30.07
CA GLN B 115 33.26 15.59 29.30
C GLN B 115 34.70 15.28 29.67
N ASP B 116 34.97 14.15 30.31
CA ASP B 116 36.33 13.91 30.83
C ASP B 116 37.03 12.79 30.07
N TYR B 117 38.26 13.05 29.62
CA TYR B 117 39.06 12.02 28.95
C TYR B 117 40.36 11.96 29.73
N GLY B 118 40.29 11.43 30.96
CA GLY B 118 41.45 11.38 31.85
C GLY B 118 41.23 10.35 32.94
N PRO B 119 42.20 10.13 33.85
CA PRO B 119 42.03 9.20 34.95
C PRO B 119 41.06 9.70 36.03
N LYS B 120 40.49 8.79 36.81
CA LYS B 120 39.67 9.22 37.97
C LYS B 120 40.59 9.28 39.18
N VAL B 121 40.71 10.45 39.84
CA VAL B 121 41.72 10.58 40.92
C VAL B 121 41.11 11.11 42.22
N ASN B 122 41.54 10.57 43.36
CA ASN B 122 41.12 11.15 44.67
C ASN B 122 42.34 11.91 45.14
N PHE B 123 42.33 13.23 44.98
CA PHE B 123 43.50 14.06 45.32
C PHE B 123 43.75 13.97 46.82
N LYS B 124 42.67 13.85 47.59
CA LYS B 124 42.80 13.80 49.07
C LYS B 124 43.63 12.60 49.50
N HIS B 125 43.39 11.43 48.91
CA HIS B 125 44.10 10.20 49.38
C HIS B 125 45.12 9.71 48.35
N LYS B 126 45.41 10.49 47.33
CA LYS B 126 46.46 10.14 46.32
C LYS B 126 46.19 8.78 45.67
N LYS B 127 44.96 8.54 45.21
CA LYS B 127 44.65 7.26 44.50
C LYS B 127 44.18 7.54 43.07
N VAL B 128 44.71 6.82 42.08
CA VAL B 128 44.37 7.06 40.65
C VAL B 128 43.72 5.80 40.07
N LYS B 129 42.60 5.96 39.37
CA LYS B 129 41.91 4.80 38.75
C LYS B 129 41.95 4.93 37.23
N THR B 130 42.46 3.90 36.55
CA THR B 130 42.62 3.95 35.07
C THR B 130 41.49 3.16 34.41
N ASP B 131 40.47 2.77 35.17
CA ASP B 131 39.41 1.91 34.61
C ASP B 131 38.63 2.57 33.47
N THR B 132 38.27 3.85 33.62
CA THR B 132 37.40 4.51 32.61
C THR B 132 38.24 5.38 31.67
N PHE B 133 39.56 5.35 31.81
CA PHE B 133 40.44 6.09 30.89
C PHE B 133 40.71 5.21 29.66
N VAL B 134 39.73 5.10 28.77
CA VAL B 134 39.90 4.30 27.52
C VAL B 134 40.97 4.97 26.68
N GLY B 135 40.95 6.30 26.61
CA GLY B 135 41.91 7.03 25.76
C GLY B 135 41.58 8.49 25.68
N MET B 136 42.21 9.20 24.74
CA MET B 136 41.99 10.66 24.56
C MET B 136 41.15 10.85 23.31
N PRO B 137 40.46 12.00 23.14
CA PRO B 137 39.62 12.22 21.98
C PRO B 137 40.41 12.32 20.66
N GLU B 138 39.75 12.05 19.53
CA GLU B 138 40.40 12.06 18.19
C GLU B 138 40.92 13.45 17.84
N TYR B 139 40.22 14.50 18.26
CA TYR B 139 40.59 15.89 17.88
C TYR B 139 41.89 16.30 18.54
N ALA B 140 42.36 15.52 19.51
CA ALA B 140 43.59 15.84 20.26
C ALA B 140 44.78 15.91 19.32
N ASP B 141 44.84 15.03 18.32
CA ASP B 141 46.04 15.00 17.47
C ASP B 141 46.23 16.34 16.77
N MET B 142 45.16 16.90 16.21
CA MET B 142 45.28 18.18 15.47
C MET B 142 45.71 19.28 16.43
N LEU B 143 45.09 19.33 17.60
CA LEU B 143 45.39 20.42 18.53
C LEU B 143 46.85 20.34 18.95
N LEU B 144 47.32 19.14 19.27
CA LEU B 144 48.72 18.99 19.78
C LEU B 144 49.73 19.32 18.69
N ASN B 145 49.48 18.87 17.45
CA ASN B 145 50.44 19.13 16.35
C ASN B 145 50.48 20.64 16.08
N LYS B 146 49.31 21.28 16.08
CA LYS B 146 49.23 22.72 15.79
C LYS B 146 49.96 23.51 16.88
N MET B 147 49.80 23.09 18.13
CA MET B 147 50.45 23.79 19.26
C MET B 147 51.96 23.72 19.03
N SER B 148 52.45 22.54 18.62
CA SER B 148 53.90 22.34 18.40
C SER B 148 54.41 23.24 17.27
N GLU B 149 53.62 23.37 16.20
CA GLU B 149 54.04 24.20 15.04
C GLU B 149 54.15 25.67 15.44
N TYR B 150 53.21 26.18 16.25
CA TYR B 150 53.32 27.58 16.73
C TYR B 150 54.51 27.76 17.68
N ASP B 151 54.64 26.94 18.72
CA ASP B 151 55.84 27.04 19.59
C ASP B 151 56.16 25.68 20.22
N VAL B 152 57.26 25.05 19.79
CA VAL B 152 57.68 23.76 20.38
C VAL B 152 58.07 24.02 21.83
N LYS B 153 58.76 25.13 22.08
CA LYS B 153 59.25 25.40 23.45
C LYS B 153 58.11 25.57 24.43
N LYS B 154 57.05 26.28 24.04
CA LYS B 154 55.98 26.58 25.03
C LYS B 154 54.84 25.57 24.94
N LEU B 155 54.34 25.28 23.74
CA LEU B 155 53.16 24.40 23.64
C LEU B 155 53.52 23.04 23.04
N GLY B 156 54.76 22.87 22.62
CA GLY B 156 55.22 21.58 22.07
C GLY B 156 55.60 20.59 23.15
N ASN B 157 55.87 19.34 22.76
CA ASN B 157 56.29 18.29 23.73
C ASN B 157 55.25 18.13 24.84
N TYR B 158 53.98 17.99 24.45
CA TYR B 158 52.88 17.86 25.44
C TYR B 158 52.39 16.41 25.48
N GLN B 159 52.40 15.81 26.68
CA GLN B 159 51.79 14.47 26.83
C GLN B 159 50.51 14.68 27.61
N PRO B 160 49.35 14.38 27.01
CA PRO B 160 48.09 14.61 27.68
C PRO B 160 47.77 13.64 28.82
N PHE B 161 47.39 14.15 29.99
CA PHE B 161 46.96 13.28 31.11
C PHE B 161 45.46 13.42 31.30
N GLU B 162 44.95 14.64 31.22
CA GLU B 162 43.49 14.85 31.29
C GLU B 162 43.06 15.83 30.21
N MET B 163 41.99 15.54 29.50
CA MET B 163 41.43 16.50 28.53
C MET B 163 39.97 16.65 28.96
N CYS B 164 39.57 17.84 29.38
CA CYS B 164 38.19 18.04 29.89
C CYS B 164 37.52 19.13 29.07
N ASN B 165 36.32 18.88 28.61
CA ASN B 165 35.55 19.93 27.93
C ASN B 165 34.57 20.45 28.97
N LEU B 166 34.59 21.75 29.25
CA LEU B 166 33.71 22.35 30.27
C LEU B 166 32.68 23.25 29.57
N GLU B 167 31.40 23.08 29.88
CA GLU B 167 30.33 23.87 29.21
C GLU B 167 29.77 24.92 30.16
N TYR B 168 29.80 26.19 29.76
CA TYR B 168 29.25 27.29 30.58
C TYR B 168 28.12 27.94 29.82
N GLU B 169 26.94 28.03 30.43
CA GLU B 169 25.78 28.72 29.80
C GLU B 169 25.37 29.90 30.67
N GLU B 170 25.20 31.09 30.09
CA GLU B 170 24.89 32.33 30.84
C GLU B 170 23.55 32.21 31.57
N VAL B 171 22.57 31.55 30.95
CA VAL B 171 21.25 31.34 31.59
C VAL B 171 21.44 30.54 32.88
N LYS B 172 22.37 29.57 32.86
CA LYS B 172 22.62 28.69 34.03
C LYS B 172 23.56 29.40 35.01
N LYS B 173 24.04 30.59 34.64
CA LYS B 173 24.95 31.37 35.51
C LYS B 173 26.18 30.51 35.79
N SER B 174 26.67 29.82 34.77
CA SER B 174 27.83 28.92 34.93
C SER B 174 29.11 29.70 35.15
N ALA B 175 29.99 29.17 36.00
CA ALA B 175 31.30 29.81 36.28
C ALA B 175 32.24 28.80 36.91
N ILE B 176 33.51 29.13 37.03
CA ILE B 176 34.46 28.24 37.75
C ILE B 176 35.05 29.08 38.88
N GLU B 177 35.11 28.52 40.09
CA GLU B 177 35.58 29.32 41.25
C GLU B 177 37.08 29.54 41.14
N MET B 178 37.58 30.59 41.77
CA MET B 178 39.02 30.91 41.62
C MET B 178 39.80 29.74 42.20
N HIS B 179 40.80 29.25 41.45
CA HIS B 179 41.49 28.03 41.91
C HIS B 179 42.83 27.86 41.23
N GLN B 180 43.67 27.01 41.80
CA GLN B 180 44.95 26.64 41.15
C GLN B 180 44.78 25.14 40.93
N ASP B 181 44.98 24.65 39.70
CA ASP B 181 44.69 23.22 39.44
C ASP B 181 45.70 22.36 40.24
N ASP B 182 45.32 21.15 40.67
CA ASP B 182 46.19 20.30 41.51
C ASP B 182 47.51 20.03 40.79
N MET B 183 48.63 20.17 41.50
CA MET B 183 49.96 20.05 40.84
C MET B 183 50.56 18.67 41.09
N TRP B 184 49.87 17.82 41.85
CA TRP B 184 50.36 16.43 42.08
C TRP B 184 50.31 15.63 40.79
N ILE B 185 49.19 15.69 40.07
CA ILE B 185 49.06 14.81 38.87
C ILE B 185 49.11 15.66 37.61
N TRP B 186 48.84 16.95 37.73
CA TRP B 186 48.79 17.81 36.53
C TRP B 186 50.10 18.60 36.39
N GLY B 187 50.54 18.82 35.16
CA GLY B 187 51.84 19.47 34.91
C GLY B 187 51.82 20.98 34.86
N ASN B 188 52.94 21.58 34.46
CA ASN B 188 53.10 23.05 34.43
C ASN B 188 52.13 23.72 33.49
N ARG B 189 51.89 23.13 32.32
CA ARG B 189 51.07 23.87 31.32
C ARG B 189 49.60 23.49 31.40
N LEU B 190 48.73 24.47 31.62
CA LEU B 190 47.28 24.24 31.60
C LEU B 190 46.77 24.93 30.34
N ILE B 191 46.12 24.19 29.44
CA ILE B 191 45.69 24.77 28.14
C ILE B 191 44.17 24.79 28.08
N SER B 192 43.57 25.93 27.73
CA SER B 192 42.11 26.02 27.55
C SER B 192 41.82 26.65 26.19
N ILE B 193 40.87 26.08 25.42
CA ILE B 193 40.47 26.70 24.13
C ILE B 193 39.02 27.14 24.26
N ASN B 194 38.75 28.40 23.93
CA ASN B 194 37.39 28.95 24.09
C ASN B 194 36.60 28.63 22.82
N LEU B 195 35.50 27.89 22.95
CA LEU B 195 34.75 27.44 21.76
C LEU B 195 33.35 28.04 21.79
N ILE B 196 32.73 28.22 20.61
CA ILE B 196 31.39 28.86 20.48
C ILE B 196 31.53 30.36 20.76
N ASN B 197 32.01 30.71 21.94
CA ASN B 197 32.20 32.13 22.33
C ASN B 197 33.42 32.22 23.21
N GLY B 198 33.94 33.41 23.44
CA GLY B 198 35.08 33.60 24.35
C GLY B 198 34.67 34.22 25.66
N SER B 199 35.63 34.48 26.55
CA SER B 199 35.32 35.04 27.89
C SER B 199 36.54 35.78 28.42
N VAL B 200 36.48 36.24 29.67
CA VAL B 200 37.65 36.89 30.31
C VAL B 200 38.09 36.02 31.49
N MET B 201 39.38 35.70 31.58
CA MET B 201 39.91 34.94 32.74
C MET B 201 40.27 35.90 33.86
N THR B 202 39.80 35.63 35.08
CA THR B 202 40.20 36.46 36.24
C THR B 202 41.32 35.73 36.97
N LEU B 203 42.47 36.37 37.14
CA LEU B 203 43.64 35.75 37.81
C LEU B 203 43.96 36.60 39.04
N SER B 204 44.18 35.98 40.20
CA SER B 204 44.41 36.76 41.44
C SER B 204 45.68 36.34 42.18
N ASN B 205 46.63 37.26 42.40
CA ASN B 205 47.78 36.94 43.28
C ASN B 205 47.34 37.45 44.64
N ASP B 206 46.78 36.58 45.47
CA ASP B 206 46.17 37.06 46.74
C ASP B 206 47.23 37.69 47.66
N ASN B 207 48.40 37.08 47.73
CA ASN B 207 49.45 37.59 48.65
C ASN B 207 49.90 38.98 48.20
N LYS B 208 50.07 39.17 46.89
CA LYS B 208 50.58 40.48 46.37
C LYS B 208 49.39 41.41 46.12
N SER B 209 48.17 40.96 46.38
CA SER B 209 46.95 41.79 46.22
C SER B 209 46.81 42.35 44.81
N PHE B 210 46.97 41.51 43.78
CA PHE B 210 46.81 41.97 42.38
C PHE B 210 45.70 41.16 41.68
N LEU B 211 44.83 41.81 40.91
CA LEU B 211 43.78 41.10 40.12
C LEU B 211 43.95 41.48 38.65
N CYS B 212 44.07 40.49 37.77
CA CYS B 212 44.24 40.77 36.32
C CYS B 212 43.08 40.16 35.54
N TYR B 213 42.56 40.91 34.58
CA TYR B 213 41.50 40.38 33.68
C TYR B 213 42.15 40.21 32.31
N VAL B 214 42.13 38.99 31.78
CA VAL B 214 42.73 38.72 30.45
C VAL B 214 41.59 38.32 29.53
N HIS B 215 41.43 39.03 28.41
CA HIS B 215 40.27 38.73 27.54
C HIS B 215 40.66 37.59 26.63
N MET B 216 39.87 36.51 26.66
CA MET B 216 40.11 35.38 25.77
C MET B 216 39.08 35.45 24.66
N PRO B 217 39.49 35.79 23.43
CA PRO B 217 38.56 35.89 22.31
C PRO B 217 38.09 34.53 21.80
N HIS B 218 37.07 34.53 20.96
CA HIS B 218 36.51 33.26 20.42
C HIS B 218 37.60 32.56 19.62
N ARG B 219 37.67 31.23 19.73
CA ARG B 219 38.69 30.43 19.00
C ARG B 219 40.09 30.86 19.41
N SER B 220 40.31 31.08 20.71
CA SER B 220 41.64 31.50 21.23
C SER B 220 42.20 30.42 22.14
N LEU B 221 43.54 30.32 22.22
CA LEU B 221 44.17 29.36 23.15
C LEU B 221 44.84 30.13 24.29
N LEU B 222 44.58 29.73 25.54
CA LEU B 222 45.32 30.35 26.67
C LEU B 222 46.13 29.25 27.36
N CYS B 223 47.42 29.49 27.58
CA CYS B 223 48.22 28.55 28.40
C CYS B 223 48.52 29.26 29.71
N MET B 224 48.23 28.62 30.83
CA MET B 224 48.63 29.20 32.13
C MET B 224 49.71 28.26 32.66
N ALA B 225 50.90 28.80 32.90
CA ALA B 225 52.04 27.95 33.29
C ALA B 225 52.94 28.74 34.23
N ASP B 226 53.91 28.07 34.86
CA ASP B 226 54.91 28.77 35.71
C ASP B 226 54.19 29.51 36.83
N GLU B 227 54.47 30.80 36.99
CA GLU B 227 53.83 31.63 38.04
C GLU B 227 52.32 31.67 37.80
N CYS B 228 51.89 31.69 36.55
CA CYS B 228 50.43 31.65 36.29
C CYS B 228 49.85 30.34 36.83
N ARG B 229 50.54 29.21 36.62
CA ARG B 229 50.05 27.91 37.11
C ARG B 229 50.08 27.84 38.64
N TYR B 230 51.17 28.30 39.25
CA TYR B 230 51.31 28.11 40.72
C TYR B 230 51.10 29.40 41.49
N ASP B 231 51.80 30.46 41.12
CA ASP B 231 51.72 31.73 41.91
C ASP B 231 50.34 32.36 41.83
N TRP B 232 49.70 32.32 40.66
CA TRP B 232 48.38 33.00 40.48
C TRP B 232 47.25 31.97 40.46
N LYS B 233 46.12 32.30 41.08
CA LYS B 233 44.92 31.43 40.99
C LYS B 233 44.09 31.91 39.80
N HIS B 234 43.29 31.04 39.17
CA HIS B 234 42.56 31.43 37.93
C HIS B 234 41.08 31.07 38.01
N GLY B 235 40.23 31.89 37.41
CA GLY B 235 38.80 31.59 37.39
C GLY B 235 38.05 32.31 36.30
N VAL B 236 36.86 31.85 35.94
CA VAL B 236 35.99 32.56 34.95
C VAL B 236 34.70 32.83 35.70
N LEU B 237 34.23 34.07 35.70
CA LEU B 237 33.03 34.43 36.50
C LEU B 237 31.79 34.42 35.62
N ALA B 238 30.61 34.37 36.23
CA ALA B 238 29.35 34.28 35.46
C ALA B 238 29.16 35.50 34.57
N HIS B 239 29.49 36.69 35.06
CA HIS B 239 29.28 37.95 34.30
C HIS B 239 30.14 37.98 33.03
N HIS B 240 31.26 37.27 33.03
CA HIS B 240 32.16 37.24 31.86
C HIS B 240 31.67 36.21 30.84
N ILE B 241 30.58 35.50 31.17
CA ILE B 241 30.08 34.43 30.27
C ILE B 241 28.85 34.93 29.52
N ARG B 242 28.86 34.77 28.20
CA ARG B 242 27.70 35.12 27.36
C ARG B 242 27.37 33.91 26.49
N GLY B 243 26.10 33.60 26.32
CA GLY B 243 25.67 32.46 25.48
C GLY B 243 26.19 31.13 25.97
N ARG B 244 26.72 30.33 25.05
CA ARG B 244 27.30 29.02 25.43
C ARG B 244 28.79 29.07 25.11
N ARG B 245 29.61 28.69 26.08
CA ARG B 245 31.05 28.59 25.82
C ARG B 245 31.49 27.20 26.24
N ILE B 246 32.35 26.57 25.47
CA ILE B 246 32.93 25.28 25.87
C ILE B 246 34.43 25.51 26.00
N ALA B 247 35.05 25.07 27.09
CA ALA B 247 36.51 25.18 27.20
C ALA B 247 37.13 23.81 26.96
N LEU B 248 37.98 23.68 25.96
CA LEU B 248 38.70 22.41 25.75
C LEU B 248 39.92 22.45 26.66
N THR B 249 39.74 22.11 27.93
CA THR B 249 40.87 22.14 28.90
C THR B 249 41.79 20.96 28.61
N MET B 250 43.09 21.16 28.76
CA MET B 250 44.07 20.06 28.58
C MET B 250 45.03 20.11 29.76
N ARG B 251 45.59 18.97 30.15
CA ARG B 251 46.52 18.89 31.31
C ARG B 251 47.68 17.99 30.89
N GLU B 252 48.82 18.07 31.58
CA GLU B 252 50.01 17.31 31.13
C GLU B 252 50.60 16.48 32.25
N ALA B 253 51.54 15.60 31.89
CA ALA B 253 52.15 14.70 32.88
C ALA B 253 52.92 15.46 33.95
N ALA B 254 52.65 15.14 35.21
CA ALA B 254 53.44 15.74 36.30
C ALA B 254 54.76 14.98 36.32
N LYS B 255 55.81 15.58 36.87
CA LYS B 255 57.15 14.96 36.83
C LYS B 255 57.12 13.64 37.59
N ASP B 256 56.37 13.57 38.68
CA ASP B 256 56.26 12.36 39.53
C ASP B 256 55.64 11.20 38.75
N PHE B 257 54.67 11.47 37.88
CA PHE B 257 54.02 10.42 37.07
C PHE B 257 54.77 10.19 35.76
N ALA B 258 55.69 11.09 35.42
CA ALA B 258 56.50 10.96 34.19
C ALA B 258 57.73 10.09 34.46
N GLU B 259 58.48 9.76 33.41
CA GLU B 259 59.65 8.87 33.56
C GLU B 259 60.64 9.53 34.50
N GLY B 260 61.38 8.74 35.28
CA GLY B 260 62.28 9.31 36.28
C GLY B 260 61.51 9.75 37.51
N GLY B 261 60.35 9.13 37.73
CA GLY B 261 59.48 9.55 38.84
C GLY B 261 58.98 8.40 39.67
N GLU B 262 58.51 8.70 40.88
CA GLU B 262 58.06 7.65 41.82
C GLU B 262 56.86 6.89 41.28
N LEU B 263 55.89 7.60 40.72
CA LEU B 263 54.61 6.96 40.34
C LEU B 263 54.55 6.59 38.86
N TYR B 264 55.66 6.68 38.14
CA TYR B 264 55.66 6.29 36.72
C TYR B 264 55.31 4.81 36.59
N GLU B 265 55.94 3.95 37.38
CA GLU B 265 55.70 2.50 37.21
C GLU B 265 54.29 2.15 37.65
N LYS B 266 53.88 2.66 38.81
CA LYS B 266 52.55 2.28 39.36
C LYS B 266 51.42 2.86 38.53
N TYR B 267 51.51 4.13 38.17
CA TYR B 267 50.36 4.79 37.50
C TYR B 267 50.74 5.50 36.21
N GLY B 268 51.88 6.18 36.17
CA GLY B 268 52.23 7.03 35.02
C GLY B 268 52.40 6.35 33.68
N ALA B 269 53.04 5.18 33.65
CA ALA B 269 53.32 4.54 32.35
C ALA B 269 52.02 4.19 31.64
N GLU B 270 51.06 3.66 32.39
CA GLU B 270 49.75 3.32 31.80
C GLU B 270 49.06 4.60 31.34
N LEU B 271 49.14 5.66 32.13
CA LEU B 271 48.46 6.93 31.79
C LEU B 271 49.08 7.47 30.51
N ILE B 272 50.39 7.36 30.35
CA ILE B 272 51.04 7.78 29.09
C ILE B 272 50.51 6.89 27.94
N ARG B 273 50.43 5.58 28.16
CA ARG B 273 49.96 4.64 27.10
C ARG B 273 48.49 4.89 26.75
N LEU B 274 47.65 5.04 27.76
CA LEU B 274 46.21 5.29 27.52
C LEU B 274 46.04 6.65 26.85
N GLY B 275 46.84 7.63 27.25
CA GLY B 275 46.82 8.97 26.63
C GLY B 275 47.25 8.91 25.18
N ASN B 276 48.19 8.03 24.85
CA ASN B 276 48.62 7.86 23.45
C ASN B 276 47.45 7.32 22.63
N ILE B 277 46.51 6.62 23.26
CA ILE B 277 45.34 6.03 22.54
C ILE B 277 44.37 7.14 22.14
N ARG B 278 43.75 7.01 20.96
CA ARG B 278 42.77 8.01 20.48
C ARG B 278 41.41 7.34 20.25
N VAL B 279 40.35 7.93 20.80
CA VAL B 279 38.98 7.39 20.63
C VAL B 279 38.39 8.05 19.38
N PRO B 280 37.88 7.27 18.41
CA PRO B 280 37.27 7.85 17.22
C PRO B 280 35.89 8.40 17.58
N LEU B 281 35.67 9.70 17.35
CA LEU B 281 34.41 10.34 17.77
C LEU B 281 33.72 10.97 16.57
N SER B 282 34.33 10.88 15.40
CA SER B 282 33.77 11.60 14.21
C SER B 282 32.52 10.89 13.69
N LYS B 283 31.45 11.66 13.49
CA LYS B 283 30.17 11.09 13.00
N HIS C 30 -28.08 3.32 -0.21
CA HIS C 30 -27.08 4.25 -0.82
C HIS C 30 -27.82 5.27 -1.67
N VAL C 31 -28.91 5.84 -1.14
CA VAL C 31 -29.72 6.82 -1.93
C VAL C 31 -28.88 8.08 -2.19
N ASN C 32 -28.22 8.60 -1.17
CA ASN C 32 -27.43 9.86 -1.32
C ASN C 32 -25.98 9.53 -1.65
N TYR C 33 -25.73 9.04 -2.87
CA TYR C 33 -24.35 8.71 -3.30
C TYR C 33 -24.15 9.40 -4.64
N LYS C 34 -22.96 9.91 -4.91
CA LYS C 34 -22.73 10.47 -6.26
C LYS C 34 -22.75 9.32 -7.25
N VAL C 35 -23.43 9.48 -8.39
CA VAL C 35 -23.56 8.34 -9.34
C VAL C 35 -22.73 8.63 -10.59
N PHE C 36 -22.04 7.61 -11.10
CA PHE C 36 -21.14 7.79 -12.26
C PHE C 36 -21.40 6.68 -13.28
N ILE C 37 -20.99 6.91 -14.53
CA ILE C 37 -21.12 5.86 -15.60
C ILE C 37 -19.73 5.73 -16.22
N TYR C 38 -19.40 4.56 -16.80
CA TYR C 38 -18.02 4.34 -17.31
C TYR C 38 -17.96 4.46 -18.83
N ASP C 39 -17.00 5.23 -19.33
CA ASP C 39 -16.77 5.28 -20.80
C ASP C 39 -15.52 4.44 -21.06
N HIS C 40 -15.68 3.31 -21.76
CA HIS C 40 -14.54 2.43 -22.10
C HIS C 40 -13.60 3.17 -23.05
N ILE C 41 -14.16 3.96 -23.95
CA ILE C 41 -13.33 4.69 -24.96
C ILE C 41 -12.40 5.66 -24.23
N ARG C 42 -12.89 6.35 -23.19
CA ARG C 42 -12.06 7.37 -22.49
C ARG C 42 -11.47 6.81 -21.20
N GLN C 43 -11.93 5.63 -20.76
CA GLN C 43 -11.39 4.96 -19.55
C GLN C 43 -11.58 5.87 -18.33
N ILE C 44 -12.70 6.57 -18.28
CA ILE C 44 -12.99 7.50 -17.15
C ILE C 44 -14.42 7.27 -16.70
N ALA C 45 -14.78 7.71 -15.49
CA ALA C 45 -16.17 7.62 -15.03
C ALA C 45 -16.79 9.00 -15.13
N ILE C 46 -17.95 9.12 -15.76
CA ILE C 46 -18.57 10.45 -16.01
C ILE C 46 -19.73 10.64 -15.03
N PRO C 47 -19.79 11.76 -14.29
CA PRO C 47 -20.85 11.97 -13.33
C PRO C 47 -22.22 12.03 -14.02
N THR C 48 -23.23 11.41 -13.42
CA THR C 48 -24.60 11.48 -14.00
C THR C 48 -25.64 11.75 -12.90
N THR C 49 -26.64 12.57 -13.18
CA THR C 49 -27.76 12.80 -12.23
C THR C 49 -28.96 12.01 -12.75
N ASN C 50 -28.78 11.29 -13.87
CA ASN C 50 -29.89 10.53 -14.51
C ASN C 50 -29.87 9.08 -14.04
N LEU C 51 -28.91 8.73 -13.18
CA LEU C 51 -28.80 7.34 -12.69
C LEU C 51 -28.85 7.39 -11.17
N ASN C 52 -29.34 6.33 -10.52
CA ASN C 52 -29.48 6.31 -9.05
C ASN C 52 -29.28 4.87 -8.57
N SER C 53 -29.36 4.63 -7.26
CA SER C 53 -29.13 3.28 -6.70
C SER C 53 -30.14 2.30 -7.30
N GLN C 54 -31.36 2.78 -7.57
CA GLN C 54 -32.43 1.89 -8.08
C GLN C 54 -32.53 1.99 -9.60
N SER C 55 -31.57 2.63 -10.27
CA SER C 55 -31.67 2.84 -11.74
C SER C 55 -31.72 1.51 -12.48
N SER C 56 -32.49 1.44 -13.56
CA SER C 56 -32.69 0.18 -14.33
C SER C 56 -31.47 -0.18 -15.16
N LEU C 57 -31.33 -1.45 -15.53
CA LEU C 57 -30.20 -1.89 -16.38
C LEU C 57 -30.29 -1.15 -17.71
N GLU C 58 -31.49 -1.03 -18.27
CA GLU C 58 -31.64 -0.41 -19.60
C GLU C 58 -31.14 1.03 -19.53
N ASP C 59 -31.48 1.70 -18.44
CA ASP C 59 -31.08 3.12 -18.31
C ASP C 59 -29.56 3.21 -18.30
N ILE C 60 -28.90 2.31 -17.58
CA ILE C 60 -27.41 2.31 -17.51
C ILE C 60 -26.85 2.01 -18.90
N ILE C 61 -27.43 1.04 -19.60
CA ILE C 61 -26.92 0.64 -20.94
C ILE C 61 -27.05 1.84 -21.87
N ASP C 62 -28.18 2.54 -21.80
CA ASP C 62 -28.41 3.74 -22.64
C ASP C 62 -27.39 4.83 -22.27
N GLU C 63 -27.15 5.05 -20.97
CA GLU C 63 -26.19 6.07 -20.49
C GLU C 63 -24.77 5.69 -20.90
N SER C 64 -24.48 4.40 -20.91
CA SER C 64 -23.12 3.94 -21.30
C SER C 64 -22.85 4.43 -22.72
N THR C 65 -23.84 4.38 -23.60
CA THR C 65 -23.66 4.96 -24.96
C THR C 65 -23.63 6.50 -24.89
N SER C 66 -24.52 7.11 -24.11
CA SER C 66 -24.62 8.60 -24.04
C SER C 66 -23.39 9.24 -23.39
N CYS C 67 -22.76 8.57 -22.43
CA CYS C 67 -21.63 9.15 -21.66
C CYS C 67 -20.46 9.53 -22.56
N GLN C 68 -20.23 8.78 -23.65
CA GLN C 68 -19.05 9.01 -24.51
C GLN C 68 -19.10 10.41 -25.15
N SER C 69 -20.28 11.01 -25.23
CA SER C 69 -20.45 12.34 -25.87
C SER C 69 -20.44 13.48 -24.85
N VAL C 70 -20.19 13.19 -23.58
CA VAL C 70 -20.26 14.24 -22.53
C VAL C 70 -18.85 14.72 -22.18
N SER C 71 -18.76 15.91 -21.59
CA SER C 71 -17.45 16.50 -21.23
C SER C 71 -16.78 15.70 -20.13
N THR C 72 -15.45 15.77 -20.06
CA THR C 72 -14.69 15.00 -19.06
C THR C 72 -14.65 15.82 -17.78
N ASP C 73 -15.40 16.91 -17.75
CA ASP C 73 -15.45 17.77 -16.55
C ASP C 73 -16.17 17.02 -15.42
N GLY C 74 -15.59 16.99 -14.23
CA GLY C 74 -16.18 16.29 -13.08
C GLY C 74 -15.90 14.81 -13.14
N SER C 75 -15.11 14.38 -14.13
CA SER C 75 -14.83 12.95 -14.33
C SER C 75 -13.82 12.43 -13.32
N ILE C 76 -13.93 11.14 -12.99
CA ILE C 76 -12.98 10.51 -12.02
C ILE C 76 -12.39 9.30 -12.74
N GLU C 77 -11.14 8.98 -12.43
CA GLU C 77 -10.49 7.78 -13.01
C GLU C 77 -10.36 6.76 -11.90
N ILE C 78 -10.86 5.54 -12.11
CA ILE C 78 -10.67 4.46 -11.10
C ILE C 78 -9.56 3.57 -11.64
N ASP C 79 -8.44 3.51 -10.93
CA ASP C 79 -7.29 2.69 -11.37
C ASP C 79 -7.66 1.21 -11.28
N GLY C 80 -7.27 0.43 -12.28
CA GLY C 80 -7.53 -1.02 -12.24
C GLY C 80 -8.83 -1.40 -12.89
N LEU C 81 -9.63 -0.42 -13.29
CA LEU C 81 -10.87 -0.77 -14.04
C LEU C 81 -10.51 -0.88 -15.50
N THR C 82 -10.47 -2.10 -16.01
CA THR C 82 -10.19 -2.33 -17.44
C THR C 82 -11.34 -3.16 -17.98
N LEU C 83 -12.10 -2.63 -18.95
CA LEU C 83 -13.18 -3.41 -19.59
C LEU C 83 -12.77 -3.68 -21.03
N ILE C 84 -12.76 -4.93 -21.44
CA ILE C 84 -12.43 -5.27 -22.84
C ILE C 84 -13.71 -5.78 -23.47
N HIS C 85 -14.20 -5.08 -24.49
CA HIS C 85 -15.43 -5.50 -25.20
C HIS C 85 -15.05 -6.61 -26.19
N ASN C 86 -15.94 -7.57 -26.41
CA ASN C 86 -15.71 -8.63 -27.42
C ASN C 86 -14.39 -9.33 -27.16
N PHE C 87 -14.07 -9.66 -25.91
CA PHE C 87 -12.84 -10.41 -25.58
C PHE C 87 -12.94 -11.79 -26.21
N LEU C 88 -14.13 -12.37 -26.20
CA LEU C 88 -14.32 -13.76 -26.69
C LEU C 88 -15.18 -13.76 -27.94
N SER C 89 -14.85 -14.62 -28.90
CA SER C 89 -15.69 -14.82 -30.11
C SER C 89 -16.85 -15.73 -29.71
N GLU C 90 -17.90 -15.80 -30.52
CA GLU C 90 -19.02 -16.72 -30.22
C GLU C 90 -18.48 -18.15 -30.24
N SER C 91 -17.58 -18.45 -31.17
CA SER C 91 -17.01 -19.81 -31.28
C SER C 91 -16.23 -20.17 -30.02
N GLU C 92 -15.40 -19.25 -29.54
CA GLU C 92 -14.59 -19.50 -28.33
C GLU C 92 -15.53 -19.69 -27.14
N GLU C 93 -16.58 -18.87 -27.06
CA GLU C 93 -17.55 -18.96 -25.95
C GLU C 93 -18.26 -20.31 -26.00
N SER C 94 -18.61 -20.77 -27.19
CA SER C 94 -19.39 -22.03 -27.32
C SER C 94 -18.57 -23.18 -26.76
N LYS C 95 -17.29 -23.21 -27.07
CA LYS C 95 -16.42 -24.31 -26.61
C LYS C 95 -16.35 -24.28 -25.07
N ILE C 96 -16.15 -23.10 -24.50
CA ILE C 96 -16.04 -22.96 -23.01
C ILE C 96 -17.39 -23.28 -22.38
N LEU C 97 -18.48 -22.79 -22.97
CA LEU C 97 -19.83 -22.99 -22.37
C LEU C 97 -20.22 -24.47 -22.34
N ASN C 98 -19.90 -25.24 -23.40
CA ASN C 98 -20.23 -26.68 -23.44
C ASN C 98 -19.48 -27.41 -22.34
N MET C 99 -18.19 -27.10 -22.18
CA MET C 99 -17.37 -27.75 -21.14
C MET C 99 -17.92 -27.37 -19.76
N ILE C 100 -18.32 -26.11 -19.58
CA ILE C 100 -18.91 -25.66 -18.29
C ILE C 100 -20.20 -26.42 -18.05
N ASP C 101 -21.05 -26.55 -19.06
CA ASP C 101 -22.37 -27.21 -18.89
C ASP C 101 -22.20 -28.71 -18.62
N THR C 102 -21.23 -29.37 -19.25
CA THR C 102 -20.95 -30.81 -19.00
C THR C 102 -20.54 -31.01 -17.55
N VAL C 103 -19.78 -30.09 -16.98
CA VAL C 103 -19.34 -30.19 -15.56
C VAL C 103 -20.54 -30.00 -14.64
N LYS C 104 -20.53 -30.64 -13.47
CA LYS C 104 -21.68 -30.60 -12.53
C LYS C 104 -21.77 -29.26 -11.81
N TRP C 105 -23.00 -28.75 -11.60
CA TRP C 105 -23.18 -27.40 -11.03
C TRP C 105 -23.54 -27.50 -9.55
N ALA C 106 -22.67 -27.00 -8.68
CA ALA C 106 -22.90 -27.07 -7.22
C ALA C 106 -23.82 -25.94 -6.77
N LYS C 107 -24.42 -26.08 -5.58
CA LYS C 107 -25.30 -25.03 -5.03
C LYS C 107 -24.46 -23.92 -4.41
N SER C 108 -25.01 -22.70 -4.32
CA SER C 108 -24.29 -21.55 -3.72
C SER C 108 -25.30 -20.59 -3.11
N LYS C 109 -24.81 -19.59 -2.38
CA LYS C 109 -25.70 -18.63 -1.68
C LYS C 109 -26.23 -17.58 -2.65
N SER C 110 -27.21 -16.79 -2.20
CA SER C 110 -27.73 -15.66 -3.00
C SER C 110 -28.32 -16.09 -4.35
N GLY C 111 -29.02 -17.22 -4.40
CA GLY C 111 -29.70 -17.64 -5.64
C GLY C 111 -28.73 -18.04 -6.72
N ARG C 112 -27.50 -18.39 -6.34
CA ARG C 112 -26.46 -18.68 -7.35
C ARG C 112 -26.05 -20.14 -7.27
N ARG C 113 -25.49 -20.67 -8.36
CA ARG C 113 -24.93 -22.05 -8.36
C ARG C 113 -23.49 -21.85 -8.80
N LYS C 114 -22.57 -22.65 -8.29
CA LYS C 114 -21.15 -22.37 -8.60
C LYS C 114 -20.38 -23.60 -9.07
N GLN C 115 -19.38 -23.40 -9.90
CA GLN C 115 -18.47 -24.51 -10.27
C GLN C 115 -17.13 -24.03 -9.73
N ASP C 116 -16.53 -24.77 -8.79
CA ASP C 116 -15.29 -24.26 -8.15
C ASP C 116 -14.07 -25.04 -8.60
N TYR C 117 -13.04 -24.36 -9.07
CA TYR C 117 -11.77 -25.04 -9.42
C TYR C 117 -10.69 -24.30 -8.66
N GLY C 118 -10.67 -24.47 -7.35
CA GLY C 118 -9.69 -23.77 -6.50
C GLY C 118 -9.47 -24.53 -5.22
N PRO C 119 -8.47 -24.18 -4.40
CA PRO C 119 -8.28 -24.83 -3.12
C PRO C 119 -9.42 -24.46 -2.17
N LYS C 120 -9.75 -25.34 -1.22
CA LYS C 120 -10.78 -25.00 -0.22
C LYS C 120 -10.10 -24.22 0.91
N VAL C 121 -10.61 -23.04 1.24
CA VAL C 121 -9.91 -22.18 2.24
C VAL C 121 -10.91 -21.63 3.26
N ASN C 122 -10.55 -21.64 4.55
CA ASN C 122 -11.38 -20.94 5.56
C ASN C 122 -10.68 -19.61 5.79
N PHE C 123 -11.15 -18.56 5.12
CA PHE C 123 -10.47 -17.24 5.19
C PHE C 123 -10.55 -16.72 6.63
N LYS C 124 -11.68 -16.93 7.30
CA LYS C 124 -11.87 -16.37 8.65
C LYS C 124 -10.81 -16.93 9.60
N HIS C 125 -10.54 -18.23 9.50
CA HIS C 125 -9.58 -18.87 10.43
C HIS C 125 -8.22 -19.10 9.74
N LYS C 126 -8.06 -18.61 8.51
CA LYS C 126 -6.77 -18.74 7.78
C LYS C 126 -6.34 -20.21 7.65
N LYS C 127 -7.24 -21.09 7.22
CA LYS C 127 -6.88 -22.51 7.00
C LYS C 127 -7.13 -22.90 5.54
N VAL C 128 -6.13 -23.49 4.87
CA VAL C 128 -6.26 -23.87 3.43
C VAL C 128 -6.15 -25.38 3.28
N LYS C 129 -7.09 -26.02 2.57
CA LYS C 129 -7.01 -27.48 2.31
C LYS C 129 -7.06 -27.73 0.80
N THR C 130 -6.13 -28.53 0.27
CA THR C 130 -6.03 -28.74 -1.20
C THR C 130 -6.50 -30.15 -1.59
N ASP C 131 -7.30 -30.80 -0.77
CA ASP C 131 -7.70 -32.20 -1.06
C ASP C 131 -8.46 -32.31 -2.38
N THR C 132 -9.36 -31.37 -2.66
CA THR C 132 -10.22 -31.50 -3.87
C THR C 132 -9.66 -30.67 -5.02
N PHE C 133 -8.46 -30.11 -4.87
CA PHE C 133 -7.83 -29.35 -5.97
C PHE C 133 -7.12 -30.34 -6.89
N VAL C 134 -7.76 -30.66 -8.03
CA VAL C 134 -7.15 -31.60 -9.02
C VAL C 134 -6.49 -30.79 -10.12
N GLY C 135 -6.66 -29.47 -10.09
CA GLY C 135 -6.11 -28.62 -11.16
C GLY C 135 -7.09 -27.55 -11.59
N MET C 136 -6.84 -26.94 -12.75
CA MET C 136 -7.70 -25.84 -13.24
C MET C 136 -8.34 -26.28 -14.56
N PRO C 137 -9.47 -25.68 -14.98
CA PRO C 137 -10.17 -26.13 -16.17
C PRO C 137 -9.35 -25.98 -17.45
N GLU C 138 -9.64 -26.79 -18.47
CA GLU C 138 -8.83 -26.80 -19.71
C GLU C 138 -8.87 -25.45 -20.42
N TYR C 139 -9.98 -24.71 -20.32
CA TYR C 139 -10.12 -23.43 -21.06
C TYR C 139 -9.17 -22.37 -20.51
N ALA C 140 -8.54 -22.64 -19.37
CA ALA C 140 -7.72 -21.61 -18.70
C ALA C 140 -6.59 -21.10 -19.59
N ASP C 141 -5.89 -21.99 -20.27
CA ASP C 141 -4.70 -21.51 -21.02
C ASP C 141 -5.16 -20.54 -22.12
N MET C 142 -6.26 -20.82 -22.80
CA MET C 142 -6.65 -19.93 -23.93
C MET C 142 -6.95 -18.54 -23.38
N LEU C 143 -7.70 -18.47 -22.29
CA LEU C 143 -8.07 -17.14 -21.75
C LEU C 143 -6.81 -16.44 -21.28
N LEU C 144 -5.91 -17.17 -20.62
CA LEU C 144 -4.68 -16.55 -20.07
C LEU C 144 -3.84 -16.01 -21.22
N ASN C 145 -3.71 -16.79 -22.28
CA ASN C 145 -2.90 -16.37 -23.45
C ASN C 145 -3.52 -15.14 -24.10
N LYS C 146 -4.85 -15.13 -24.26
CA LYS C 146 -5.54 -14.00 -24.94
C LYS C 146 -5.35 -12.73 -24.12
N MET C 147 -5.40 -12.86 -22.80
CA MET C 147 -5.27 -11.69 -21.91
C MET C 147 -3.88 -11.08 -22.10
N SER C 148 -2.85 -11.91 -22.16
CA SER C 148 -1.47 -11.40 -22.30
C SER C 148 -1.31 -10.67 -23.63
N GLU C 149 -1.93 -11.20 -24.68
CA GLU C 149 -1.82 -10.59 -26.02
C GLU C 149 -2.41 -9.18 -26.00
N TYR C 150 -3.55 -8.99 -25.35
CA TYR C 150 -4.14 -7.63 -25.26
C TYR C 150 -3.21 -6.72 -24.45
N ASP C 151 -2.77 -7.17 -23.27
CA ASP C 151 -1.81 -6.37 -22.47
C ASP C 151 -0.97 -7.28 -21.57
N VAL C 152 0.31 -7.46 -21.90
CA VAL C 152 1.20 -8.25 -21.01
C VAL C 152 1.36 -7.49 -19.69
N LYS C 153 1.49 -6.18 -19.78
CA LYS C 153 1.67 -5.35 -18.56
C LYS C 153 0.44 -5.44 -17.67
N LYS C 154 -0.76 -5.43 -18.26
CA LYS C 154 -1.98 -5.37 -17.41
C LYS C 154 -2.49 -6.75 -17.01
N LEU C 155 -2.67 -7.66 -17.95
CA LEU C 155 -3.30 -8.97 -17.62
C LEU C 155 -2.33 -10.12 -17.87
N GLY C 156 -1.08 -9.81 -18.16
CA GLY C 156 -0.05 -10.86 -18.38
C GLY C 156 0.55 -11.35 -17.09
N ASN C 157 1.32 -12.45 -17.15
CA ASN C 157 1.97 -13.02 -15.95
C ASN C 157 0.93 -13.34 -14.88
N TYR C 158 -0.14 -14.03 -15.27
CA TYR C 158 -1.22 -14.38 -14.32
C TYR C 158 -1.06 -15.84 -13.89
N GLN C 159 -0.94 -16.07 -12.58
CA GLN C 159 -0.91 -17.46 -12.08
C GLN C 159 -2.26 -17.67 -11.41
N PRO C 160 -3.09 -18.64 -11.85
CA PRO C 160 -4.44 -18.76 -11.30
C PRO C 160 -4.62 -19.60 -10.04
N PHE C 161 -4.83 -18.94 -8.90
CA PHE C 161 -5.13 -19.67 -7.64
C PHE C 161 -6.52 -20.31 -7.70
N GLU C 162 -7.51 -19.60 -8.24
CA GLU C 162 -8.89 -20.14 -8.33
C GLU C 162 -9.53 -19.75 -9.66
N MET C 163 -10.40 -20.61 -10.19
CA MET C 163 -11.19 -20.26 -11.40
C MET C 163 -12.63 -20.66 -11.14
N CYS C 164 -13.29 -19.96 -10.22
CA CYS C 164 -14.71 -20.26 -9.88
C CYS C 164 -15.61 -19.75 -11.00
N ASN C 165 -16.62 -20.53 -11.37
CA ASN C 165 -17.59 -20.08 -12.40
C ASN C 165 -18.94 -19.97 -11.72
N LEU C 166 -19.66 -18.85 -11.88
CA LEU C 166 -20.94 -18.63 -11.16
C LEU C 166 -22.09 -18.48 -12.15
N GLU C 167 -23.20 -19.14 -11.89
CA GLU C 167 -24.39 -19.05 -12.78
C GLU C 167 -25.45 -18.22 -12.07
N TYR C 168 -26.03 -17.26 -12.77
CA TYR C 168 -27.09 -16.43 -12.16
C TYR C 168 -28.32 -16.40 -13.06
N GLU C 169 -29.49 -16.19 -12.46
CA GLU C 169 -30.75 -16.21 -13.24
C GLU C 169 -31.71 -15.10 -12.82
N GLU C 170 -32.40 -14.49 -13.77
CA GLU C 170 -33.41 -13.45 -13.48
C GLU C 170 -34.54 -14.08 -12.70
N VAL C 171 -34.94 -15.29 -13.09
CA VAL C 171 -36.09 -15.97 -12.43
C VAL C 171 -35.72 -16.23 -10.97
N LYS C 172 -34.48 -16.61 -10.71
CA LYS C 172 -34.07 -16.99 -9.33
C LYS C 172 -33.69 -15.73 -8.54
N LYS C 173 -33.74 -14.56 -9.18
CA LYS C 173 -33.40 -13.29 -8.51
C LYS C 173 -32.01 -13.45 -7.93
N SER C 174 -31.13 -14.09 -8.69
CA SER C 174 -29.74 -14.33 -8.22
C SER C 174 -28.97 -13.02 -8.21
N ALA C 175 -28.13 -12.82 -7.20
CA ALA C 175 -27.28 -11.60 -7.16
C ALA C 175 -26.05 -11.86 -6.28
N ILE C 176 -24.99 -11.08 -6.45
CA ILE C 176 -23.81 -11.17 -5.55
C ILE C 176 -23.83 -9.89 -4.75
N GLU C 177 -23.73 -9.98 -3.42
CA GLU C 177 -23.86 -8.77 -2.57
C GLU C 177 -22.65 -7.88 -2.81
N MET C 178 -22.79 -6.58 -2.57
CA MET C 178 -21.59 -5.73 -2.74
C MET C 178 -20.53 -6.28 -1.81
N HIS C 179 -19.33 -6.51 -2.33
CA HIS C 179 -18.33 -7.19 -1.49
C HIS C 179 -16.92 -6.94 -1.97
N GLN C 180 -15.94 -7.22 -1.12
CA GLN C 180 -14.53 -7.16 -1.55
C GLN C 180 -14.00 -8.57 -1.34
N ASP C 181 -13.39 -9.17 -2.37
CA ASP C 181 -12.92 -10.57 -2.25
C ASP C 181 -11.70 -10.58 -1.30
N ASP C 182 -11.43 -11.72 -0.65
CA ASP C 182 -10.36 -11.77 0.38
C ASP C 182 -9.02 -11.38 -0.24
N MET C 183 -8.21 -10.61 0.48
CA MET C 183 -6.94 -10.14 -0.07
C MET C 183 -5.76 -10.95 0.48
N TRP C 184 -6.01 -11.85 1.44
CA TRP C 184 -4.93 -12.71 1.99
C TRP C 184 -4.43 -13.75 0.97
N ILE C 185 -5.35 -14.43 0.28
CA ILE C 185 -4.95 -15.51 -0.68
C ILE C 185 -5.19 -15.01 -2.10
N TRP C 186 -6.15 -14.11 -2.29
CA TRP C 186 -6.47 -13.59 -3.63
C TRP C 186 -5.68 -12.32 -3.89
N GLY C 187 -5.07 -12.19 -5.07
CA GLY C 187 -4.17 -11.07 -5.37
C GLY C 187 -4.82 -9.86 -6.01
N ASN C 188 -4.00 -8.99 -6.60
CA ASN C 188 -4.50 -7.71 -7.15
C ASN C 188 -5.53 -7.90 -8.25
N ARG C 189 -5.28 -8.80 -9.20
CA ARG C 189 -6.19 -8.83 -10.37
C ARG C 189 -7.37 -9.77 -10.17
N LEU C 190 -8.58 -9.24 -10.33
CA LEU C 190 -9.80 -10.08 -10.25
C LEU C 190 -10.42 -10.04 -11.64
N ILE C 191 -10.62 -11.19 -12.28
CA ILE C 191 -11.11 -11.19 -13.68
C ILE C 191 -12.49 -11.82 -13.77
N SER C 192 -13.47 -11.15 -14.38
CA SER C 192 -14.80 -11.75 -14.61
C SER C 192 -15.10 -11.69 -16.11
N ILE C 193 -15.51 -12.81 -16.71
CA ILE C 193 -15.86 -12.84 -18.16
C ILE C 193 -17.35 -13.15 -18.27
N ASN C 194 -18.09 -12.33 -19.01
CA ASN C 194 -19.56 -12.49 -19.09
C ASN C 194 -19.90 -13.47 -20.21
N LEU C 195 -20.45 -14.64 -19.88
CA LEU C 195 -20.72 -15.67 -20.90
C LEU C 195 -22.23 -15.77 -21.09
N ILE C 196 -22.70 -15.77 -22.33
CA ILE C 196 -24.15 -15.79 -22.67
C ILE C 196 -24.70 -14.38 -22.62
N ASN C 197 -25.27 -13.98 -21.48
CA ASN C 197 -25.84 -12.61 -21.31
C ASN C 197 -24.86 -11.72 -20.55
N GLY C 198 -25.02 -10.41 -20.64
CA GLY C 198 -24.15 -9.45 -19.92
C GLY C 198 -24.92 -8.64 -18.91
N SER C 199 -24.27 -8.22 -17.84
CA SER C 199 -24.94 -7.47 -16.74
C SER C 199 -24.21 -6.17 -16.46
N VAL C 200 -24.42 -5.60 -15.26
CA VAL C 200 -23.73 -4.34 -14.84
C VAL C 200 -22.98 -4.63 -13.55
N MET C 201 -21.71 -4.23 -13.44
CA MET C 201 -21.01 -4.37 -12.15
C MET C 201 -21.19 -3.05 -11.39
N THR C 202 -21.71 -3.11 -10.17
CA THR C 202 -21.89 -1.89 -9.35
C THR C 202 -20.67 -1.78 -8.44
N LEU C 203 -20.02 -0.63 -8.43
CA LEU C 203 -18.80 -0.41 -7.62
C LEU C 203 -19.07 0.69 -6.61
N SER C 204 -18.69 0.49 -5.35
CA SER C 204 -19.03 1.48 -4.30
C SER C 204 -17.83 1.94 -3.48
N ASN C 205 -17.65 3.25 -3.32
CA ASN C 205 -16.62 3.78 -2.40
C ASN C 205 -17.41 4.39 -1.26
N ASP C 206 -17.54 3.69 -0.14
CA ASP C 206 -18.38 4.18 0.98
C ASP C 206 -17.80 5.47 1.57
N ASN C 207 -16.47 5.55 1.67
CA ASN C 207 -15.82 6.73 2.27
C ASN C 207 -16.12 7.97 1.43
N LYS C 208 -16.05 7.85 0.11
CA LYS C 208 -16.27 9.01 -0.79
C LYS C 208 -17.75 9.09 -1.17
N SER C 209 -18.57 8.13 -0.71
CA SER C 209 -20.01 8.11 -1.03
C SER C 209 -20.18 8.14 -2.55
N PHE C 210 -19.41 7.32 -3.25
CA PHE C 210 -19.43 7.30 -4.74
C PHE C 210 -19.96 5.95 -5.26
N LEU C 211 -20.82 5.98 -6.27
CA LEU C 211 -21.31 4.72 -6.90
C LEU C 211 -21.01 4.80 -8.40
N CYS C 212 -20.37 3.78 -8.95
CA CYS C 212 -20.11 3.73 -10.42
C CYS C 212 -20.73 2.46 -11.00
N TYR C 213 -21.43 2.59 -12.13
CA TYR C 213 -22.03 1.42 -12.81
C TYR C 213 -21.20 1.16 -14.07
N VAL C 214 -20.65 -0.04 -14.21
CA VAL C 214 -19.92 -0.40 -15.44
C VAL C 214 -20.82 -1.37 -16.18
N HIS C 215 -21.25 -1.05 -17.40
CA HIS C 215 -22.05 -2.06 -18.14
C HIS C 215 -21.09 -3.04 -18.77
N MET C 216 -21.21 -4.31 -18.40
CA MET C 216 -20.34 -5.35 -18.98
C MET C 216 -21.17 -6.05 -20.03
N PRO C 217 -20.87 -5.88 -21.33
CA PRO C 217 -21.65 -6.49 -22.38
C PRO C 217 -21.30 -7.98 -22.49
N HIS C 218 -22.05 -8.73 -23.30
CA HIS C 218 -21.75 -10.17 -23.48
C HIS C 218 -20.38 -10.36 -24.11
N ARG C 219 -19.69 -11.43 -23.71
CA ARG C 219 -18.34 -11.74 -24.25
C ARG C 219 -17.36 -10.63 -23.88
N SER C 220 -17.51 -10.03 -22.69
CA SER C 220 -16.63 -8.94 -22.24
C SER C 220 -15.78 -9.41 -21.07
N LEU C 221 -14.59 -8.85 -20.88
CA LEU C 221 -13.73 -9.20 -19.73
C LEU C 221 -13.62 -7.96 -18.85
N LEU C 222 -13.76 -8.13 -17.54
CA LEU C 222 -13.52 -6.98 -16.63
C LEU C 222 -12.43 -7.36 -15.64
N CYS C 223 -11.47 -6.46 -15.44
CA CYS C 223 -10.45 -6.70 -14.40
C CYS C 223 -10.66 -5.62 -13.36
N MET C 224 -10.71 -6.00 -12.10
CA MET C 224 -10.78 -4.99 -11.01
C MET C 224 -9.49 -5.17 -10.24
N ALA C 225 -8.70 -4.11 -10.10
CA ALA C 225 -7.37 -4.22 -9.46
C ALA C 225 -7.03 -2.87 -8.86
N ASP C 226 -5.98 -2.80 -8.03
CA ASP C 226 -5.51 -1.49 -7.51
C ASP C 226 -6.65 -0.79 -6.79
N GLU C 227 -6.97 0.44 -7.19
CA GLU C 227 -8.01 1.23 -6.50
C GLU C 227 -9.35 0.49 -6.60
N CYS C 228 -9.66 -0.09 -7.76
CA CYS C 228 -10.93 -0.83 -7.92
C CYS C 228 -10.96 -2.04 -6.99
N ARG C 229 -9.86 -2.78 -6.88
CA ARG C 229 -9.80 -4.00 -6.04
C ARG C 229 -9.86 -3.69 -4.54
N TYR C 230 -9.13 -2.67 -4.09
CA TYR C 230 -9.02 -2.45 -2.63
C TYR C 230 -9.94 -1.34 -2.13
N ASP C 231 -9.86 -0.17 -2.75
CA ASP C 231 -10.65 0.99 -2.29
C ASP C 231 -12.14 0.75 -2.47
N TRP C 232 -12.54 0.14 -3.58
CA TRP C 232 -13.99 0.01 -3.91
C TRP C 232 -14.50 -1.40 -3.69
N LYS C 233 -15.83 -1.55 -3.67
CA LYS C 233 -16.48 -2.87 -3.46
C LYS C 233 -17.19 -3.30 -4.74
N HIS C 234 -17.21 -4.60 -5.05
CA HIS C 234 -17.83 -5.10 -6.32
C HIS C 234 -19.07 -5.93 -6.04
N GLY C 235 -20.16 -5.62 -6.75
CA GLY C 235 -21.39 -6.41 -6.60
C GLY C 235 -22.18 -6.43 -7.90
N VAL C 236 -23.00 -7.46 -8.12
CA VAL C 236 -23.87 -7.51 -9.32
C VAL C 236 -25.31 -7.48 -8.83
N LEU C 237 -26.15 -6.61 -9.40
CA LEU C 237 -27.51 -6.42 -8.85
C LEU C 237 -28.52 -7.34 -9.55
N ALA C 238 -29.50 -7.84 -8.79
CA ALA C 238 -30.49 -8.80 -9.34
C ALA C 238 -31.30 -8.17 -10.45
N HIS C 239 -31.65 -6.90 -10.31
CA HIS C 239 -32.42 -6.17 -11.36
C HIS C 239 -31.56 -6.10 -12.60
N HIS C 240 -30.24 -6.04 -12.40
CA HIS C 240 -29.30 -5.90 -13.55
C HIS C 240 -29.03 -7.25 -14.22
N ILE C 241 -29.51 -8.34 -13.63
CA ILE C 241 -29.33 -9.70 -14.24
C ILE C 241 -30.54 -10.03 -15.10
N ARG C 242 -30.32 -10.47 -16.33
CA ARG C 242 -31.43 -10.89 -17.22
C ARG C 242 -31.11 -12.29 -17.74
N GLY C 243 -32.14 -13.13 -17.89
CA GLY C 243 -31.96 -14.49 -18.42
C GLY C 243 -31.00 -15.32 -17.60
N ARG C 244 -30.06 -15.98 -18.26
CA ARG C 244 -29.02 -16.75 -17.55
C ARG C 244 -27.66 -16.14 -17.90
N ARG C 245 -26.86 -15.86 -16.88
CA ARG C 245 -25.51 -15.31 -17.11
C ARG C 245 -24.52 -16.23 -16.42
N ILE C 246 -23.41 -16.54 -17.08
CA ILE C 246 -22.35 -17.33 -16.39
C ILE C 246 -21.14 -16.42 -16.27
N ALA C 247 -20.55 -16.38 -15.09
CA ALA C 247 -19.35 -15.55 -14.88
C ALA C 247 -18.13 -16.44 -14.75
N LEU C 248 -17.15 -16.29 -15.62
CA LEU C 248 -15.91 -17.04 -15.43
C LEU C 248 -15.05 -16.13 -14.56
N THR C 249 -14.87 -16.51 -13.30
CA THR C 249 -14.14 -15.63 -12.37
C THR C 249 -12.78 -16.25 -12.09
N MET C 250 -11.71 -15.48 -12.25
CA MET C 250 -10.34 -16.00 -12.04
C MET C 250 -9.65 -15.13 -10.98
N ARG C 251 -8.96 -15.76 -10.03
CA ARG C 251 -8.26 -15.03 -8.94
C ARG C 251 -6.77 -15.36 -9.03
N GLU C 252 -5.89 -14.49 -8.53
CA GLU C 252 -4.43 -14.71 -8.71
C GLU C 252 -3.70 -14.86 -7.38
N ALA C 253 -2.47 -15.38 -7.42
CA ALA C 253 -1.70 -15.64 -6.19
C ALA C 253 -1.37 -14.36 -5.43
N ALA C 254 -1.52 -14.39 -4.10
CA ALA C 254 -1.15 -13.24 -3.25
C ALA C 254 0.37 -13.24 -3.08
N LYS C 255 0.95 -12.11 -2.67
CA LYS C 255 2.42 -12.01 -2.56
C LYS C 255 2.92 -13.03 -1.53
N ASP C 256 2.18 -13.18 -0.43
CA ASP C 256 2.59 -14.12 0.65
C ASP C 256 2.57 -15.55 0.10
N PHE C 257 1.55 -15.90 -0.67
CA PHE C 257 1.42 -17.26 -1.24
C PHE C 257 2.46 -17.50 -2.34
N ALA C 258 2.87 -16.43 -3.03
CA ALA C 258 3.82 -16.55 -4.16
C ALA C 258 5.24 -16.73 -3.64
N GLU C 259 6.19 -17.00 -4.54
CA GLU C 259 7.59 -17.26 -4.13
C GLU C 259 8.13 -16.02 -3.43
N GLY C 260 9.02 -16.20 -2.46
CA GLY C 260 9.53 -15.06 -1.66
C GLY C 260 8.50 -14.66 -0.65
N GLY C 261 7.56 -15.57 -0.35
CA GLY C 261 6.47 -15.26 0.59
C GLY C 261 6.49 -16.18 1.79
N GLU C 262 5.91 -15.72 2.91
CA GLU C 262 5.93 -16.51 4.16
C GLU C 262 5.17 -17.82 3.96
N LEU C 263 4.04 -17.79 3.25
CA LEU C 263 3.19 -19.01 3.12
C LEU C 263 3.53 -19.77 1.85
N TYR C 264 4.57 -19.35 1.12
CA TYR C 264 4.87 -20.02 -0.17
C TYR C 264 5.19 -21.49 0.07
N GLU C 265 6.07 -21.76 1.02
CA GLU C 265 6.51 -23.15 1.27
C GLU C 265 5.34 -23.99 1.81
N LYS C 266 4.60 -23.45 2.78
CA LYS C 266 3.52 -24.24 3.43
C LYS C 266 2.36 -24.51 2.48
N TYR C 267 1.88 -23.49 1.77
CA TYR C 267 0.66 -23.68 0.93
C TYR C 267 0.90 -23.22 -0.50
N GLY C 268 1.69 -22.17 -0.69
CA GLY C 268 1.83 -21.58 -2.04
C GLY C 268 2.42 -22.48 -3.10
N ALA C 269 3.46 -23.23 -2.78
CA ALA C 269 4.14 -24.02 -3.82
C ALA C 269 3.15 -25.03 -4.39
N GLU C 270 2.43 -25.71 -3.50
CA GLU C 270 1.48 -26.75 -3.96
C GLU C 270 0.42 -26.07 -4.81
N LEU C 271 -0.05 -24.91 -4.38
CA LEU C 271 -1.15 -24.23 -5.09
C LEU C 271 -0.71 -23.85 -6.51
N ILE C 272 0.52 -23.32 -6.65
CA ILE C 272 1.03 -22.97 -8.00
C ILE C 272 1.16 -24.26 -8.82
N ARG C 273 1.72 -25.30 -8.23
CA ARG C 273 1.94 -26.56 -8.98
C ARG C 273 0.62 -27.15 -9.40
N LEU C 274 -0.34 -27.20 -8.48
CA LEU C 274 -1.68 -27.77 -8.77
C LEU C 274 -2.39 -26.90 -9.81
N GLY C 275 -2.26 -25.59 -9.70
CA GLY C 275 -2.88 -24.64 -10.66
C GLY C 275 -2.32 -24.82 -12.06
N ASN C 276 -1.02 -25.09 -12.17
CA ASN C 276 -0.40 -25.33 -13.49
C ASN C 276 -1.04 -26.57 -14.13
N ILE C 277 -1.41 -27.56 -13.31
CA ILE C 277 -2.10 -28.78 -13.82
C ILE C 277 -3.46 -28.39 -14.40
N ARG C 278 -3.89 -29.04 -15.48
CA ARG C 278 -5.17 -28.73 -16.15
C ARG C 278 -6.09 -29.95 -16.06
N VAL C 279 -7.40 -29.74 -16.02
CA VAL C 279 -8.39 -30.86 -15.90
C VAL C 279 -9.01 -31.08 -17.28
N PRO C 280 -9.04 -32.32 -17.82
CA PRO C 280 -9.72 -32.57 -19.08
C PRO C 280 -11.24 -32.40 -18.95
N LEU C 281 -11.82 -31.48 -19.72
CA LEU C 281 -13.26 -31.18 -19.58
C LEU C 281 -14.00 -31.51 -20.87
N SER C 282 -13.26 -31.69 -21.97
CA SER C 282 -13.93 -31.91 -23.28
C SER C 282 -14.59 -33.28 -23.32
N LYS C 283 -15.77 -33.36 -23.97
CA LYS C 283 -16.52 -34.65 -24.04
N HIS D 30 -38.74 -53.99 -17.80
CA HIS D 30 -38.06 -54.43 -19.04
C HIS D 30 -36.99 -55.46 -18.70
N VAL D 31 -37.09 -56.12 -17.54
CA VAL D 31 -36.02 -57.06 -17.09
C VAL D 31 -35.89 -58.25 -18.03
N ASN D 32 -37.01 -58.78 -18.50
CA ASN D 32 -36.98 -60.00 -19.36
C ASN D 32 -37.10 -59.56 -20.81
N TYR D 33 -37.15 -58.25 -21.05
CA TYR D 33 -37.33 -57.71 -22.43
C TYR D 33 -36.10 -58.03 -23.27
N LYS D 34 -36.30 -58.34 -24.55
CA LYS D 34 -35.15 -58.55 -25.47
C LYS D 34 -34.53 -57.19 -25.76
N VAL D 35 -33.20 -57.11 -25.89
CA VAL D 35 -32.53 -55.79 -26.04
C VAL D 35 -31.95 -55.61 -27.43
N PHE D 36 -32.05 -54.40 -27.97
CA PHE D 36 -31.58 -54.10 -29.34
C PHE D 36 -30.79 -52.80 -29.34
N ILE D 37 -29.96 -52.59 -30.37
CA ILE D 37 -29.19 -51.31 -30.52
C ILE D 37 -29.45 -50.79 -31.94
N TYR D 38 -29.35 -49.48 -32.15
CA TYR D 38 -29.67 -48.89 -33.48
C TYR D 38 -28.42 -48.61 -34.30
N ASP D 39 -28.41 -49.04 -35.56
CA ASP D 39 -27.30 -48.70 -36.47
C ASP D 39 -27.82 -47.55 -37.31
N HIS D 40 -27.31 -46.34 -37.11
CA HIS D 40 -27.76 -45.16 -37.89
C HIS D 40 -27.40 -45.40 -39.34
N ILE D 41 -26.25 -46.01 -39.57
CA ILE D 41 -25.77 -46.27 -40.95
C ILE D 41 -26.72 -47.25 -41.64
N ARG D 42 -27.14 -48.32 -40.94
CA ARG D 42 -27.97 -49.35 -41.60
C ARG D 42 -29.45 -49.12 -41.35
N GLN D 43 -29.79 -48.25 -40.40
CA GLN D 43 -31.20 -47.91 -40.08
C GLN D 43 -31.96 -49.17 -39.68
N ILE D 44 -31.31 -50.07 -38.94
CA ILE D 44 -31.95 -51.30 -38.43
C ILE D 44 -31.59 -51.42 -36.95
N ALA D 45 -32.35 -52.20 -36.20
CA ALA D 45 -32.00 -52.44 -34.79
C ALA D 45 -31.39 -53.82 -34.68
N ILE D 46 -30.21 -53.93 -34.08
CA ILE D 46 -29.47 -55.22 -34.03
C ILE D 46 -29.61 -55.82 -32.64
N PRO D 47 -29.98 -57.11 -32.52
CA PRO D 47 -30.10 -57.74 -31.22
C PRO D 47 -28.77 -57.81 -30.46
N THR D 48 -28.78 -57.47 -29.17
CA THR D 48 -27.53 -57.43 -28.37
C THR D 48 -27.68 -58.21 -27.07
N THR D 49 -26.70 -59.05 -26.75
CA THR D 49 -26.71 -59.81 -25.47
C THR D 49 -25.75 -59.11 -24.52
N ASN D 50 -25.09 -58.07 -25.00
CA ASN D 50 -24.09 -57.34 -24.16
C ASN D 50 -24.80 -56.20 -23.45
N LEU D 51 -26.10 -56.03 -23.70
CA LEU D 51 -26.85 -54.93 -23.07
C LEU D 51 -28.00 -55.52 -22.26
N ASN D 52 -28.43 -54.80 -21.22
CA ASN D 52 -29.53 -55.27 -20.33
C ASN D 52 -30.53 -54.14 -20.15
N SER D 53 -31.46 -54.30 -19.21
CA SER D 53 -32.52 -53.29 -18.96
C SER D 53 -31.93 -51.95 -18.53
N GLN D 54 -30.88 -51.98 -17.72
CA GLN D 54 -30.28 -50.71 -17.21
C GLN D 54 -28.77 -50.74 -17.45
N SER D 55 -28.37 -50.54 -18.71
CA SER D 55 -26.93 -50.56 -19.07
C SER D 55 -26.39 -49.12 -19.07
N SER D 56 -25.08 -48.96 -18.91
CA SER D 56 -24.46 -47.61 -18.81
C SER D 56 -24.51 -46.91 -20.16
N LEU D 57 -24.51 -45.58 -20.14
CA LEU D 57 -24.51 -44.80 -21.40
C LEU D 57 -23.24 -45.18 -22.16
N GLU D 58 -22.13 -45.35 -21.46
CA GLU D 58 -20.84 -45.64 -22.12
C GLU D 58 -20.97 -46.94 -22.88
N ASP D 59 -21.60 -47.93 -22.25
CA ASP D 59 -21.73 -49.27 -22.88
C ASP D 59 -22.59 -49.14 -24.13
N ILE D 60 -23.67 -48.36 -24.06
CA ILE D 60 -24.58 -48.15 -25.22
C ILE D 60 -23.84 -47.44 -26.34
N ILE D 61 -23.05 -46.43 -26.01
CA ILE D 61 -22.33 -45.64 -27.05
C ILE D 61 -21.35 -46.57 -27.77
N ASP D 62 -20.65 -47.43 -27.02
CA ASP D 62 -19.70 -48.41 -27.62
C ASP D 62 -20.43 -49.42 -28.49
N GLU D 63 -21.57 -49.94 -28.05
CA GLU D 63 -22.36 -50.90 -28.85
C GLU D 63 -22.85 -50.19 -30.12
N SER D 64 -23.13 -48.90 -30.02
CA SER D 64 -23.61 -48.13 -31.19
C SER D 64 -22.55 -48.20 -32.29
N THR D 65 -21.28 -48.04 -31.95
CA THR D 65 -20.19 -48.22 -32.94
C THR D 65 -19.99 -49.70 -33.27
N SER D 66 -20.09 -50.58 -32.27
CA SER D 66 -19.87 -52.04 -32.46
C SER D 66 -20.94 -52.70 -33.33
N CYS D 67 -22.18 -52.22 -33.28
CA CYS D 67 -23.32 -52.84 -33.99
C CYS D 67 -23.09 -52.86 -35.50
N GLN D 68 -22.29 -51.93 -36.01
CA GLN D 68 -22.07 -51.82 -37.47
C GLN D 68 -21.41 -53.08 -38.01
N SER D 69 -20.56 -53.74 -37.22
CA SER D 69 -19.83 -54.95 -37.69
C SER D 69 -20.64 -56.23 -37.48
N VAL D 70 -21.78 -56.16 -36.80
CA VAL D 70 -22.58 -57.37 -36.49
C VAL D 70 -23.44 -57.74 -37.70
N SER D 71 -24.04 -58.93 -37.67
CA SER D 71 -24.92 -59.40 -38.76
C SER D 71 -26.29 -58.74 -38.68
N THR D 72 -27.03 -58.75 -39.79
CA THR D 72 -28.39 -58.19 -39.83
C THR D 72 -29.34 -59.29 -39.42
N ASP D 73 -28.78 -60.46 -39.12
CA ASP D 73 -29.63 -61.62 -38.78
C ASP D 73 -30.30 -61.39 -37.45
N GLY D 74 -31.63 -61.49 -37.40
CA GLY D 74 -32.38 -61.21 -36.17
C GLY D 74 -32.67 -59.73 -36.06
N SER D 75 -32.24 -58.95 -37.05
CA SER D 75 -32.40 -57.48 -37.03
C SER D 75 -33.86 -57.08 -37.29
N ILE D 76 -34.29 -55.97 -36.71
CA ILE D 76 -35.69 -55.49 -36.89
C ILE D 76 -35.63 -54.04 -37.36
N GLU D 77 -36.70 -53.57 -37.97
CA GLU D 77 -36.77 -52.16 -38.40
C GLU D 77 -37.92 -51.49 -37.67
N ILE D 78 -37.69 -50.32 -37.09
CA ILE D 78 -38.82 -49.56 -36.46
C ILE D 78 -39.11 -48.41 -37.40
N ASP D 79 -40.30 -48.40 -37.97
CA ASP D 79 -40.68 -47.33 -38.93
C ASP D 79 -40.83 -46.02 -38.16
N GLY D 80 -40.33 -44.94 -38.74
CA GLY D 80 -40.43 -43.63 -38.08
C GLY D 80 -39.22 -43.36 -37.21
N LEU D 81 -38.28 -44.29 -37.15
CA LEU D 81 -37.03 -44.01 -36.41
C LEU D 81 -36.06 -43.37 -37.39
N THR D 82 -35.93 -42.04 -37.34
CA THR D 82 -34.96 -41.33 -38.19
C THR D 82 -34.01 -40.60 -37.26
N LEU D 83 -32.71 -40.87 -37.34
CA LEU D 83 -31.72 -40.14 -36.52
C LEU D 83 -30.77 -39.44 -37.49
N ILE D 84 -30.61 -38.14 -37.35
CA ILE D 84 -29.65 -37.38 -38.20
C ILE D 84 -28.54 -36.87 -37.29
N HIS D 85 -27.34 -37.41 -37.47
CA HIS D 85 -26.17 -36.95 -36.69
C HIS D 85 -25.78 -35.59 -37.25
N ASN D 86 -25.32 -34.68 -36.40
CA ASN D 86 -24.85 -33.35 -36.85
C ASN D 86 -25.93 -32.62 -37.64
N PHE D 87 -27.17 -32.67 -37.16
CA PHE D 87 -28.26 -31.89 -37.80
C PHE D 87 -27.94 -30.42 -37.62
N LEU D 88 -27.45 -30.06 -36.45
CA LEU D 88 -27.20 -28.63 -36.15
C LEU D 88 -25.70 -28.36 -36.13
N SER D 89 -25.26 -27.25 -36.72
CA SER D 89 -23.84 -26.85 -36.64
C SER D 89 -23.61 -26.14 -35.30
N GLU D 90 -22.36 -25.94 -34.92
CA GLU D 90 -22.04 -25.28 -33.64
C GLU D 90 -22.61 -23.86 -33.65
N SER D 91 -22.48 -23.18 -34.77
CA SER D 91 -22.98 -21.79 -34.87
C SER D 91 -24.49 -21.79 -34.69
N GLU D 92 -25.15 -22.76 -35.32
CA GLU D 92 -26.62 -22.84 -35.22
C GLU D 92 -26.96 -23.11 -33.75
N GLU D 93 -26.21 -24.00 -33.12
CA GLU D 93 -26.49 -24.35 -31.70
C GLU D 93 -26.28 -23.13 -30.81
N SER D 94 -25.21 -22.38 -31.04
CA SER D 94 -24.89 -21.25 -30.15
C SER D 94 -26.02 -20.24 -30.20
N LYS D 95 -26.51 -19.96 -31.40
CA LYS D 95 -27.58 -18.96 -31.55
C LYS D 95 -28.84 -19.46 -30.84
N ILE D 96 -29.19 -20.71 -31.05
CA ILE D 96 -30.44 -21.23 -30.46
C ILE D 96 -30.29 -21.25 -28.93
N LEU D 97 -29.13 -21.69 -28.44
CA LEU D 97 -28.91 -21.81 -26.97
C LEU D 97 -28.96 -20.44 -26.31
N ASN D 98 -28.33 -19.44 -26.91
CA ASN D 98 -28.30 -18.07 -26.31
C ASN D 98 -29.73 -17.56 -26.23
N MET D 99 -30.50 -17.78 -27.29
CA MET D 99 -31.91 -17.33 -27.31
C MET D 99 -32.68 -18.10 -26.23
N ILE D 100 -32.46 -19.40 -26.08
CA ILE D 100 -33.12 -20.21 -25.02
C ILE D 100 -32.69 -19.72 -23.63
N ASP D 101 -31.39 -19.46 -23.44
CA ASP D 101 -30.85 -19.03 -22.11
C ASP D 101 -31.38 -17.66 -21.71
N THR D 102 -31.56 -16.73 -22.67
CA THR D 102 -32.16 -15.41 -22.37
C THR D 102 -33.60 -15.61 -21.87
N VAL D 103 -34.31 -16.59 -22.42
CA VAL D 103 -35.70 -16.89 -21.97
C VAL D 103 -35.66 -17.43 -20.55
N LYS D 104 -36.66 -17.10 -19.74
CA LYS D 104 -36.74 -17.60 -18.35
C LYS D 104 -37.07 -19.08 -18.36
N TRP D 105 -36.57 -19.83 -17.39
CA TRP D 105 -36.78 -21.30 -17.37
C TRP D 105 -37.84 -21.65 -16.32
N ALA D 106 -38.94 -22.24 -16.77
CA ALA D 106 -40.03 -22.62 -15.85
C ALA D 106 -39.75 -24.01 -15.28
N LYS D 107 -40.25 -24.29 -14.08
CA LYS D 107 -39.99 -25.59 -13.43
C LYS D 107 -40.91 -26.65 -14.05
N SER D 108 -40.52 -27.92 -13.97
CA SER D 108 -41.31 -29.05 -14.54
C SER D 108 -41.08 -30.30 -13.69
N LYS D 109 -41.78 -31.38 -13.99
CA LYS D 109 -41.71 -32.62 -13.17
C LYS D 109 -40.45 -33.43 -13.42
N SER D 110 -40.14 -34.35 -12.50
CA SER D 110 -39.00 -35.28 -12.69
C SER D 110 -37.67 -34.56 -12.88
N GLY D 111 -37.39 -33.53 -12.08
CA GLY D 111 -36.08 -32.85 -12.14
C GLY D 111 -35.92 -32.04 -13.41
N ARG D 112 -37.01 -31.74 -14.09
CA ARG D 112 -36.87 -31.05 -15.39
C ARG D 112 -37.29 -29.59 -15.27
N ARG D 113 -36.77 -28.74 -16.14
CA ARG D 113 -37.21 -27.33 -16.20
C ARG D 113 -37.66 -27.16 -17.63
N LYS D 114 -38.73 -26.41 -17.87
CA LYS D 114 -39.27 -26.38 -19.25
C LYS D 114 -39.51 -24.99 -19.79
N GLN D 115 -39.50 -24.86 -21.11
CA GLN D 115 -39.86 -23.57 -21.74
C GLN D 115 -40.98 -23.96 -22.71
N ASP D 116 -42.18 -23.42 -22.56
CA ASP D 116 -43.31 -23.89 -23.40
C ASP D 116 -43.67 -22.84 -24.44
N TYR D 117 -43.76 -23.25 -25.70
CA TYR D 117 -44.12 -22.33 -26.79
C TYR D 117 -45.32 -22.93 -27.52
N GLY D 118 -46.22 -23.55 -26.75
CA GLY D 118 -47.41 -24.19 -27.33
C GLY D 118 -48.67 -23.83 -26.55
N PRO D 119 -49.87 -24.19 -27.04
CA PRO D 119 -51.13 -23.93 -26.34
C PRO D 119 -51.30 -24.77 -25.06
N LYS D 120 -52.07 -24.28 -24.11
CA LYS D 120 -52.34 -25.06 -22.89
C LYS D 120 -53.47 -26.05 -23.18
N VAL D 121 -53.28 -27.34 -22.89
CA VAL D 121 -54.29 -28.38 -23.23
C VAL D 121 -54.63 -29.25 -22.01
N ASN D 122 -55.91 -29.47 -21.72
CA ASN D 122 -56.31 -30.42 -20.66
C ASN D 122 -56.65 -31.73 -21.37
N PHE D 123 -55.71 -32.67 -21.41
CA PHE D 123 -55.92 -33.90 -22.20
C PHE D 123 -57.07 -34.73 -21.64
N LYS D 124 -57.15 -34.87 -20.32
CA LYS D 124 -58.14 -35.80 -19.75
C LYS D 124 -59.55 -35.43 -20.18
N HIS D 125 -59.88 -34.14 -20.13
CA HIS D 125 -61.27 -33.71 -20.46
C HIS D 125 -61.29 -33.08 -21.85
N LYS D 126 -60.23 -33.30 -22.65
CA LYS D 126 -60.23 -32.81 -24.05
C LYS D 126 -60.49 -31.31 -24.14
N LYS D 127 -59.72 -30.49 -23.43
CA LYS D 127 -59.90 -29.00 -23.46
C LYS D 127 -58.62 -28.29 -23.93
N VAL D 128 -58.73 -27.34 -24.87
CA VAL D 128 -57.54 -26.59 -25.42
C VAL D 128 -57.81 -25.09 -25.30
N LYS D 129 -56.82 -24.32 -24.84
CA LYS D 129 -56.96 -22.83 -24.72
C LYS D 129 -55.73 -22.13 -25.31
N THR D 130 -55.94 -21.06 -26.08
CA THR D 130 -54.80 -20.38 -26.76
C THR D 130 -54.49 -19.04 -26.09
N ASP D 131 -54.94 -18.84 -24.85
CA ASP D 131 -54.78 -17.52 -24.19
C ASP D 131 -53.30 -17.18 -24.03
N THR D 132 -52.47 -18.15 -23.66
CA THR D 132 -51.03 -17.88 -23.37
C THR D 132 -50.16 -18.19 -24.58
N PHE D 133 -50.74 -18.67 -25.68
CA PHE D 133 -49.96 -19.09 -26.87
C PHE D 133 -49.72 -17.90 -27.79
N VAL D 134 -48.69 -17.10 -27.49
CA VAL D 134 -48.33 -15.94 -28.36
C VAL D 134 -47.87 -16.46 -29.72
N GLY D 135 -47.09 -17.54 -29.73
CA GLY D 135 -46.55 -18.07 -30.99
C GLY D 135 -45.39 -19.01 -30.80
N MET D 136 -44.64 -19.27 -31.87
CA MET D 136 -43.50 -20.21 -31.83
C MET D 136 -42.20 -19.42 -31.83
N PRO D 137 -41.07 -19.98 -31.36
CA PRO D 137 -39.82 -19.21 -31.26
C PRO D 137 -39.14 -18.84 -32.58
N GLU D 138 -38.26 -17.84 -32.57
CA GLU D 138 -37.61 -17.33 -33.81
C GLU D 138 -36.75 -18.39 -34.49
N TYR D 139 -36.06 -19.23 -33.71
CA TYR D 139 -35.12 -20.22 -34.29
C TYR D 139 -35.89 -21.27 -35.07
N ALA D 140 -37.21 -21.33 -34.92
CA ALA D 140 -38.02 -22.40 -35.54
C ALA D 140 -37.91 -22.38 -37.06
N ASP D 141 -37.89 -21.21 -37.67
CA ASP D 141 -37.90 -21.16 -39.16
C ASP D 141 -36.65 -21.87 -39.67
N MET D 142 -35.49 -21.61 -39.06
CA MET D 142 -34.23 -22.20 -39.55
C MET D 142 -34.30 -23.72 -39.43
N LEU D 143 -34.79 -24.21 -38.29
CA LEU D 143 -34.81 -25.67 -38.08
C LEU D 143 -35.73 -26.27 -39.13
N LEU D 144 -36.90 -25.65 -39.35
CA LEU D 144 -37.91 -26.23 -40.27
C LEU D 144 -37.41 -26.23 -41.72
N ASN D 145 -36.71 -25.18 -42.14
CA ASN D 145 -36.15 -25.17 -43.51
C ASN D 145 -35.14 -26.31 -43.63
N LYS D 146 -34.30 -26.50 -42.60
CA LYS D 146 -33.29 -27.59 -42.59
C LYS D 146 -33.99 -28.96 -42.57
N MET D 147 -35.04 -29.09 -41.77
CA MET D 147 -35.73 -30.40 -41.63
C MET D 147 -36.30 -30.79 -43.00
N SER D 148 -36.95 -29.85 -43.68
CA SER D 148 -37.57 -30.12 -45.01
C SER D 148 -36.49 -30.46 -46.04
N GLU D 149 -35.35 -29.78 -45.98
CA GLU D 149 -34.28 -29.99 -46.98
C GLU D 149 -33.73 -31.42 -46.91
N TYR D 150 -33.51 -31.94 -45.71
CA TYR D 150 -33.03 -33.33 -45.57
C TYR D 150 -34.10 -34.31 -46.07
N ASP D 151 -35.35 -34.14 -45.64
CA ASP D 151 -36.44 -34.99 -46.20
C ASP D 151 -37.79 -34.29 -46.08
N VAL D 152 -38.35 -33.85 -47.20
CA VAL D 152 -39.71 -33.24 -47.19
C VAL D 152 -40.72 -34.33 -46.81
N LYS D 153 -40.48 -35.54 -47.30
CA LYS D 153 -41.45 -36.63 -47.05
C LYS D 153 -41.50 -36.94 -45.55
N LYS D 154 -40.35 -36.92 -44.87
CA LYS D 154 -40.35 -37.35 -43.46
C LYS D 154 -40.43 -36.17 -42.49
N LEU D 155 -39.59 -35.16 -42.66
CA LEU D 155 -39.56 -34.04 -41.67
C LEU D 155 -40.12 -32.75 -42.29
N GLY D 156 -40.71 -32.86 -43.48
CA GLY D 156 -41.26 -31.68 -44.18
C GLY D 156 -42.76 -31.59 -44.04
N ASN D 157 -43.36 -30.48 -44.46
CA ASN D 157 -44.82 -30.27 -44.33
C ASN D 157 -45.15 -30.39 -42.84
N TYR D 158 -44.29 -29.85 -41.99
CA TYR D 158 -44.47 -29.91 -40.53
C TYR D 158 -45.07 -28.58 -40.08
N GLN D 159 -46.20 -28.63 -39.38
CA GLN D 159 -46.77 -27.38 -38.82
C GLN D 159 -46.58 -27.45 -37.32
N PRO D 160 -45.86 -26.50 -36.69
CA PRO D 160 -45.58 -26.62 -35.27
C PRO D 160 -46.83 -26.34 -34.42
N PHE D 161 -47.19 -27.25 -33.53
CA PHE D 161 -48.32 -27.01 -32.61
C PHE D 161 -47.77 -26.86 -31.20
N GLU D 162 -46.58 -27.42 -30.96
CA GLU D 162 -45.91 -27.23 -29.65
C GLU D 162 -44.40 -27.26 -29.88
N MET D 163 -43.63 -26.44 -29.15
CA MET D 163 -42.16 -26.48 -29.24
C MET D 163 -41.60 -26.29 -27.83
N CYS D 164 -41.81 -27.28 -26.96
CA CYS D 164 -41.30 -27.21 -25.58
C CYS D 164 -39.80 -27.45 -25.56
N ASN D 165 -39.09 -26.77 -24.68
CA ASN D 165 -37.64 -27.02 -24.53
C ASN D 165 -37.47 -27.65 -23.14
N LEU D 166 -36.78 -28.78 -23.02
CA LEU D 166 -36.69 -29.48 -21.71
C LEU D 166 -35.26 -29.57 -21.22
N GLU D 167 -35.02 -29.21 -19.96
CA GLU D 167 -33.64 -29.19 -19.39
C GLU D 167 -33.45 -30.35 -18.43
N TYR D 168 -32.40 -31.14 -18.64
CA TYR D 168 -32.08 -32.27 -17.73
C TYR D 168 -30.71 -31.98 -17.10
N GLU D 169 -30.53 -32.36 -15.83
CA GLU D 169 -29.20 -32.20 -15.19
C GLU D 169 -28.82 -33.54 -14.55
N GLU D 170 -27.57 -33.96 -14.72
CA GLU D 170 -27.10 -35.25 -14.14
C GLU D 170 -27.18 -35.12 -12.63
N VAL D 171 -26.81 -33.96 -12.11
CA VAL D 171 -26.84 -33.71 -10.64
C VAL D 171 -28.28 -33.81 -10.13
N LYS D 172 -29.24 -33.30 -10.90
CA LYS D 172 -30.65 -33.26 -10.43
C LYS D 172 -31.33 -34.59 -10.74
N LYS D 173 -30.60 -35.52 -11.36
CA LYS D 173 -31.14 -36.88 -11.64
C LYS D 173 -32.42 -36.71 -12.45
N SER D 174 -32.41 -35.76 -13.38
CA SER D 174 -33.61 -35.50 -14.20
C SER D 174 -33.82 -36.65 -15.17
N ALA D 175 -35.07 -36.93 -15.50
CA ALA D 175 -35.36 -37.97 -16.50
C ALA D 175 -36.79 -37.78 -17.01
N ILE D 176 -37.14 -38.39 -18.13
CA ILE D 176 -38.57 -38.36 -18.56
C ILE D 176 -39.06 -39.80 -18.44
N GLU D 177 -40.21 -39.99 -17.81
CA GLU D 177 -40.71 -41.37 -17.58
C GLU D 177 -41.13 -41.97 -18.91
N MET D 178 -41.09 -43.30 -19.02
CA MET D 178 -41.40 -43.91 -20.33
C MET D 178 -42.84 -43.58 -20.67
N HIS D 179 -43.06 -43.08 -21.89
CA HIS D 179 -44.41 -42.57 -22.22
C HIS D 179 -44.64 -42.48 -23.71
N GLN D 180 -45.89 -42.26 -24.10
CA GLN D 180 -46.21 -41.99 -25.52
C GLN D 180 -46.90 -40.63 -25.52
N ASP D 181 -46.46 -39.70 -26.37
CA ASP D 181 -47.03 -38.34 -26.36
C ASP D 181 -48.48 -38.41 -26.84
N ASP D 182 -49.35 -37.48 -26.42
CA ASP D 182 -50.78 -37.53 -26.79
C ASP D 182 -50.92 -37.42 -28.32
N MET D 183 -51.82 -38.21 -28.92
CA MET D 183 -51.97 -38.19 -30.40
C MET D 183 -53.22 -37.42 -30.81
N TRP D 184 -54.05 -37.00 -29.85
CA TRP D 184 -55.31 -36.29 -30.18
C TRP D 184 -55.03 -34.93 -30.80
N ILE D 185 -54.08 -34.17 -30.24
CA ILE D 185 -53.71 -32.84 -30.80
C ILE D 185 -52.33 -32.94 -31.46
N TRP D 186 -51.45 -33.75 -30.88
CA TRP D 186 -50.07 -33.89 -31.43
C TRP D 186 -50.08 -34.92 -32.55
N GLY D 187 -49.39 -34.63 -33.65
CA GLY D 187 -49.42 -35.52 -34.84
C GLY D 187 -48.45 -36.67 -34.81
N ASN D 188 -48.29 -37.35 -35.95
CA ASN D 188 -47.40 -38.54 -36.06
C ASN D 188 -45.95 -38.18 -35.78
N ARG D 189 -45.49 -37.05 -36.29
CA ARG D 189 -44.04 -36.76 -36.17
C ARG D 189 -43.69 -36.09 -34.85
N LEU D 190 -42.77 -36.69 -34.09
CA LEU D 190 -42.28 -36.05 -32.84
C LEU D 190 -40.79 -35.81 -33.06
N ILE D 191 -40.29 -34.62 -32.73
CA ILE D 191 -38.86 -34.29 -33.03
C ILE D 191 -38.16 -33.85 -31.75
N SER D 192 -36.99 -34.42 -31.46
CA SER D 192 -36.18 -33.93 -30.32
C SER D 192 -34.79 -33.62 -30.87
N ILE D 193 -34.26 -32.42 -30.64
CA ILE D 193 -32.87 -32.10 -31.05
C ILE D 193 -32.05 -31.98 -29.77
N ASN D 194 -30.93 -32.69 -29.69
CA ASN D 194 -30.13 -32.71 -28.44
C ASN D 194 -29.12 -31.57 -28.45
N LEU D 195 -29.30 -30.63 -27.53
CA LEU D 195 -28.42 -29.44 -27.46
C LEU D 195 -27.57 -29.57 -26.21
N ILE D 196 -26.33 -29.10 -26.26
CA ILE D 196 -25.36 -29.19 -25.13
C ILE D 196 -24.80 -30.61 -25.03
N ASN D 197 -25.64 -31.61 -24.73
CA ASN D 197 -25.08 -32.97 -24.50
C ASN D 197 -25.99 -34.05 -25.06
N GLY D 198 -25.42 -35.21 -25.43
CA GLY D 198 -26.20 -36.33 -25.95
C GLY D 198 -26.79 -37.21 -24.87
N SER D 199 -27.74 -38.09 -25.23
CA SER D 199 -28.39 -39.00 -24.26
C SER D 199 -28.88 -40.25 -24.99
N VAL D 200 -29.50 -41.18 -24.27
CA VAL D 200 -30.07 -42.41 -24.89
C VAL D 200 -31.59 -42.40 -24.78
N MET D 201 -32.27 -42.64 -25.90
CA MET D 201 -33.75 -42.77 -25.84
C MET D 201 -34.02 -44.27 -25.73
N THR D 202 -34.74 -44.67 -24.68
CA THR D 202 -35.10 -46.08 -24.51
C THR D 202 -36.50 -46.27 -25.08
N LEU D 203 -36.66 -47.17 -26.05
CA LEU D 203 -37.97 -47.42 -26.69
C LEU D 203 -38.47 -48.81 -26.26
N SER D 204 -39.73 -48.92 -25.84
CA SER D 204 -40.25 -50.20 -25.31
C SER D 204 -41.51 -50.68 -26.04
N ASN D 205 -41.53 -51.94 -26.51
CA ASN D 205 -42.78 -52.51 -27.09
C ASN D 205 -43.25 -53.51 -26.05
N ASP D 206 -44.24 -53.15 -25.25
CA ASP D 206 -44.68 -54.03 -24.15
C ASP D 206 -45.29 -55.32 -24.70
N ASN D 207 -46.04 -55.19 -25.79
CA ASN D 207 -46.73 -56.37 -26.38
C ASN D 207 -45.68 -57.37 -26.86
N LYS D 208 -44.61 -56.91 -27.50
CA LYS D 208 -43.60 -57.83 -28.08
C LYS D 208 -42.41 -58.01 -27.14
N SER D 209 -42.43 -57.39 -25.96
CA SER D 209 -41.35 -57.52 -24.97
C SER D 209 -40.00 -57.12 -25.57
N PHE D 210 -39.96 -55.99 -26.27
CA PHE D 210 -38.71 -55.55 -26.96
C PHE D 210 -38.23 -54.22 -26.40
N LEU D 211 -36.92 -54.09 -26.18
CA LEU D 211 -36.33 -52.80 -25.73
C LEU D 211 -35.28 -52.37 -26.75
N CYS D 212 -35.33 -51.13 -27.22
CA CYS D 212 -34.30 -50.61 -28.16
C CYS D 212 -33.69 -49.34 -27.58
N TYR D 213 -32.36 -49.23 -27.65
CA TYR D 213 -31.69 -47.98 -27.20
C TYR D 213 -31.19 -47.28 -28.45
N VAL D 214 -31.59 -46.03 -28.66
CA VAL D 214 -31.05 -45.24 -29.81
C VAL D 214 -30.17 -44.16 -29.20
N HIS D 215 -28.88 -44.18 -29.55
CA HIS D 215 -27.98 -43.20 -28.92
C HIS D 215 -28.06 -41.93 -29.74
N MET D 216 -28.50 -40.85 -29.09
CA MET D 216 -28.59 -39.56 -29.78
C MET D 216 -27.38 -38.75 -29.36
N PRO D 217 -26.45 -38.46 -30.27
CA PRO D 217 -25.28 -37.67 -29.96
C PRO D 217 -25.61 -36.18 -29.90
N HIS D 218 -24.63 -35.37 -29.51
CA HIS D 218 -24.84 -33.90 -29.46
C HIS D 218 -25.13 -33.37 -30.84
N ARG D 219 -26.03 -32.39 -30.94
CA ARG D 219 -26.43 -31.80 -32.24
C ARG D 219 -27.06 -32.87 -33.12
N SER D 220 -27.87 -33.76 -32.54
CA SER D 220 -28.53 -34.85 -33.30
C SER D 220 -30.04 -34.63 -33.34
N LEU D 221 -30.69 -34.98 -34.44
CA LEU D 221 -32.16 -34.90 -34.48
C LEU D 221 -32.71 -36.33 -34.49
N LEU D 222 -33.62 -36.65 -33.57
CA LEU D 222 -34.29 -37.96 -33.61
C LEU D 222 -35.77 -37.69 -33.87
N CYS D 223 -36.35 -38.37 -34.84
CA CYS D 223 -37.80 -38.23 -35.09
C CYS D 223 -38.47 -39.54 -34.72
N MET D 224 -39.57 -39.48 -33.97
CA MET D 224 -40.32 -40.71 -33.68
C MET D 224 -41.68 -40.57 -34.36
N ALA D 225 -41.98 -41.48 -35.29
CA ALA D 225 -43.22 -41.37 -36.08
C ALA D 225 -43.66 -42.77 -36.46
N ASP D 226 -44.87 -42.91 -37.00
CA ASP D 226 -45.35 -44.22 -37.50
C ASP D 226 -45.34 -45.26 -36.39
N GLU D 227 -44.71 -46.42 -36.62
CA GLU D 227 -44.72 -47.52 -35.63
C GLU D 227 -44.06 -47.05 -34.33
N CYS D 228 -42.99 -46.26 -34.44
CA CYS D 228 -42.29 -45.75 -33.24
C CYS D 228 -43.25 -44.89 -32.42
N ARG D 229 -44.04 -44.04 -33.10
CA ARG D 229 -44.97 -43.13 -32.40
C ARG D 229 -46.08 -43.88 -31.67
N TYR D 230 -46.69 -44.88 -32.31
CA TYR D 230 -47.86 -45.55 -31.69
C TYR D 230 -47.50 -46.85 -30.99
N ASP D 231 -46.74 -47.72 -31.64
CA ASP D 231 -46.44 -49.06 -31.06
C ASP D 231 -45.52 -48.98 -29.85
N TRP D 232 -44.50 -48.11 -29.90
CA TRP D 232 -43.49 -48.11 -28.82
C TRP D 232 -43.62 -46.90 -27.91
N LYS D 233 -42.96 -46.95 -26.75
CA LYS D 233 -42.98 -45.84 -25.77
C LYS D 233 -41.56 -45.29 -25.64
N HIS D 234 -41.40 -43.98 -25.47
CA HIS D 234 -40.06 -43.35 -25.43
C HIS D 234 -39.73 -42.77 -24.06
N GLY D 235 -38.53 -43.04 -23.54
CA GLY D 235 -38.13 -42.47 -22.25
C GLY D 235 -36.64 -42.18 -22.14
N VAL D 236 -36.25 -41.22 -21.30
CA VAL D 236 -34.82 -40.91 -21.06
C VAL D 236 -34.54 -41.24 -19.61
N LEU D 237 -33.44 -41.93 -19.33
CA LEU D 237 -33.16 -42.40 -17.95
C LEU D 237 -32.01 -41.59 -17.35
N ALA D 238 -31.94 -41.52 -16.03
CA ALA D 238 -30.94 -40.66 -15.37
C ALA D 238 -29.50 -41.08 -15.69
N HIS D 239 -29.21 -42.38 -15.75
CA HIS D 239 -27.80 -42.79 -15.99
C HIS D 239 -27.43 -42.43 -17.41
N HIS D 240 -28.43 -42.12 -18.23
CA HIS D 240 -28.21 -41.78 -19.66
C HIS D 240 -28.02 -40.28 -19.90
N ILE D 241 -28.07 -39.45 -18.85
CA ILE D 241 -27.85 -37.99 -18.97
C ILE D 241 -26.51 -37.63 -18.36
N ARG D 242 -25.64 -36.95 -19.12
CA ARG D 242 -24.35 -36.46 -18.57
C ARG D 242 -24.30 -34.96 -18.82
N GLY D 243 -24.03 -34.18 -17.78
CA GLY D 243 -23.95 -32.71 -17.93
C GLY D 243 -25.32 -32.10 -18.05
N ARG D 244 -25.40 -30.88 -18.57
CA ARG D 244 -26.72 -30.27 -18.82
C ARG D 244 -27.23 -30.76 -20.17
N ARG D 245 -28.54 -30.91 -20.30
CA ARG D 245 -29.10 -31.28 -21.61
C ARG D 245 -30.33 -30.42 -21.85
N ILE D 246 -30.55 -30.00 -23.08
CA ILE D 246 -31.78 -29.23 -23.45
C ILE D 246 -32.30 -29.89 -24.71
N ALA D 247 -33.60 -29.80 -24.98
CA ALA D 247 -34.16 -30.51 -26.14
C ALA D 247 -35.19 -29.64 -26.85
N LEU D 248 -35.30 -29.73 -28.17
CA LEU D 248 -36.36 -29.00 -28.88
C LEU D 248 -37.47 -29.99 -29.18
N THR D 249 -38.48 -30.05 -28.32
CA THR D 249 -39.54 -31.08 -28.46
C THR D 249 -40.64 -30.56 -29.39
N MET D 250 -40.34 -30.46 -30.68
CA MET D 250 -41.32 -29.99 -31.68
C MET D 250 -42.41 -31.05 -31.85
N ARG D 251 -43.67 -30.61 -31.91
CA ARG D 251 -44.81 -31.54 -32.15
C ARG D 251 -45.66 -30.97 -33.29
N GLU D 252 -46.18 -31.82 -34.16
CA GLU D 252 -47.01 -31.37 -35.30
C GLU D 252 -48.48 -31.36 -34.88
N ALA D 253 -49.40 -31.25 -35.84
CA ALA D 253 -50.84 -31.16 -35.52
C ALA D 253 -51.60 -32.43 -35.90
N ALA D 254 -52.52 -32.89 -35.05
CA ALA D 254 -53.36 -34.05 -35.40
C ALA D 254 -54.37 -33.66 -36.47
N LYS D 255 -54.87 -34.65 -37.23
CA LYS D 255 -55.82 -34.37 -38.35
C LYS D 255 -57.09 -33.75 -37.80
N ASP D 256 -57.50 -34.17 -36.61
CA ASP D 256 -58.74 -33.64 -35.99
C ASP D 256 -58.57 -32.13 -35.83
N PHE D 257 -57.37 -31.69 -35.45
CA PHE D 257 -57.11 -30.24 -35.25
C PHE D 257 -56.59 -29.62 -36.54
N ALA D 258 -56.54 -30.39 -37.62
CA ALA D 258 -55.94 -29.87 -38.88
C ALA D 258 -56.99 -29.67 -39.96
N GLU D 259 -56.59 -29.09 -41.10
CA GLU D 259 -57.55 -28.73 -42.18
C GLU D 259 -58.34 -29.94 -42.66
N GLY D 260 -59.64 -29.76 -42.89
CA GLY D 260 -60.51 -30.87 -43.31
C GLY D 260 -60.91 -31.64 -42.08
N GLY D 261 -60.45 -31.20 -40.92
CA GLY D 261 -60.70 -31.95 -39.67
C GLY D 261 -61.94 -31.51 -38.95
N GLU D 262 -62.34 -32.27 -37.94
CA GLU D 262 -63.52 -31.91 -37.13
C GLU D 262 -63.27 -30.59 -36.40
N LEU D 263 -62.05 -30.41 -35.87
CA LEU D 263 -61.77 -29.18 -35.07
C LEU D 263 -60.87 -28.20 -35.81
N TYR D 264 -60.70 -28.34 -37.13
CA TYR D 264 -59.87 -27.31 -37.82
C TYR D 264 -60.56 -25.97 -37.68
N GLU D 265 -61.87 -25.95 -37.97
CA GLU D 265 -62.62 -24.67 -37.88
C GLU D 265 -62.65 -24.24 -36.42
N LYS D 266 -62.96 -25.18 -35.53
CA LYS D 266 -63.10 -24.84 -34.09
C LYS D 266 -61.78 -24.40 -33.47
N TYR D 267 -60.67 -25.10 -33.74
CA TYR D 267 -59.38 -24.81 -33.03
C TYR D 267 -58.16 -24.64 -33.93
N GLY D 268 -57.97 -25.53 -34.90
CA GLY D 268 -56.73 -25.55 -35.70
C GLY D 268 -56.41 -24.32 -36.50
N ALA D 269 -57.40 -23.66 -37.10
CA ALA D 269 -57.07 -22.54 -38.00
C ALA D 269 -56.31 -21.45 -37.21
N GLU D 270 -56.79 -21.14 -36.02
CA GLU D 270 -56.10 -20.12 -35.17
C GLU D 270 -54.72 -20.64 -34.76
N LEU D 271 -54.64 -21.92 -34.41
CA LEU D 271 -53.37 -22.49 -33.93
C LEU D 271 -52.32 -22.44 -35.03
N ILE D 272 -52.72 -22.72 -36.27
CA ILE D 272 -51.79 -22.65 -37.42
C ILE D 272 -51.33 -21.20 -37.57
N ARG D 273 -52.27 -20.27 -37.49
CA ARG D 273 -51.93 -18.84 -37.67
C ARG D 273 -51.03 -18.36 -36.53
N LEU D 274 -51.36 -18.72 -35.29
CA LEU D 274 -50.54 -18.31 -34.13
C LEU D 274 -49.16 -18.97 -34.23
N GLY D 275 -49.11 -20.24 -34.64
CA GLY D 275 -47.84 -20.97 -34.79
C GLY D 275 -46.97 -20.37 -35.86
N ASN D 276 -47.58 -19.88 -36.95
CA ASN D 276 -46.82 -19.20 -38.03
C ASN D 276 -46.17 -17.94 -37.45
N ILE D 277 -46.85 -17.28 -36.51
CA ILE D 277 -46.30 -16.03 -35.88
C ILE D 277 -45.04 -16.38 -35.07
N ARG D 278 -44.03 -15.52 -35.10
CA ARG D 278 -42.74 -15.84 -34.45
C ARG D 278 -42.40 -14.82 -33.36
N VAL D 279 -41.98 -15.31 -32.18
CA VAL D 279 -41.58 -14.43 -31.06
C VAL D 279 -40.14 -13.98 -31.33
N PRO D 280 -39.84 -12.66 -31.22
CA PRO D 280 -38.48 -12.17 -31.43
C PRO D 280 -37.61 -12.31 -30.17
N LEU D 281 -36.58 -13.14 -30.24
CA LEU D 281 -35.69 -13.37 -29.06
C LEU D 281 -34.27 -12.89 -29.36
N SER D 282 -33.99 -12.49 -30.61
CA SER D 282 -32.63 -12.03 -31.00
C SER D 282 -32.35 -10.65 -30.43
N LYS D 283 -31.12 -10.41 -30.01
CA LYS D 283 -30.75 -9.10 -29.44
C LYS D 283 -29.45 -8.63 -30.06
N THR D 284 -29.34 -7.35 -30.40
CA THR D 284 -28.07 -6.79 -30.94
MN MN E . 5.55 19.22 15.30
CL CL F . 8.37 18.92 16.00
CL CL G . 23.68 22.75 22.07
MN MN H . 41.98 25.31 36.72
CL CL I . 37.84 27.39 31.72
MN MN J . 30.65 34.46 18.82
MN MN K . -16.13 -10.92 -6.09
CL CL L . -19.38 -11.32 -11.38
MN MN M . -42.36 -37.82 -25.50
#